data_7JM0
#
_entry.id   7JM0
#
_cell.length_a   68.544
_cell.length_b   76.916
_cell.length_c   96.572
_cell.angle_alpha   90.000
_cell.angle_beta   102.121
_cell.angle_gamma   90.000
#
_symmetry.space_group_name_H-M   'P 1 21 1'
#
loop_
_entity.id
_entity.type
_entity.pdbx_description
1 polymer 'Aminocyclitol acetyltransferase ApmA'
2 non-polymer 'SULFATE ION'
3 water water
#
_entity_poly.entity_id   1
_entity_poly.type   'polypeptide(L)'
_entity_poly.pdbx_seq_one_letter_code
;GMKTRLEQVLERYLNGREVAVWGVPTRRLLRALKPFKFHTADRVDPQYHYVVAVTDDDLTDFLSDEQSKSFQYANDYLTF
DDEGGELPFERMCFNVPVGRQTYFGDGVVGACENGYIKSIGQFTSINGTAEIHANHQLNMTFVSDDIQNFFNEESMAVFQ
EKLRKDPKHPYAYSKEPMTIGSDVYIGAHAFINASTVTSIGDGAIIGSGAVVLENVPPFAVVVGVPARIKRYRFSKEMIE
TLLRVKWWDWSIEEINENVDALISPELFMKKYGSL
;
_entity_poly.pdbx_strand_id   A,B,C
#
loop_
_chem_comp.id
_chem_comp.type
_chem_comp.name
_chem_comp.formula
SO4 non-polymer 'SULFATE ION' 'O4 S -2'
#
# COMPACT_ATOMS: atom_id res chain seq x y z
N MET A 2 -13.74 2.50 -22.02
CA MET A 2 -13.26 3.88 -21.93
C MET A 2 -11.79 3.97 -22.32
N LYS A 3 -11.37 5.16 -22.74
CA LYS A 3 -10.02 5.36 -23.24
C LYS A 3 -9.03 5.42 -22.08
N THR A 4 -8.05 4.51 -22.09
CA THR A 4 -7.00 4.53 -21.10
C THR A 4 -6.12 5.77 -21.26
N ARG A 5 -5.32 6.04 -20.23
CA ARG A 5 -4.39 7.16 -20.29
C ARG A 5 -3.42 7.00 -21.46
N LEU A 6 -2.92 5.78 -21.70
CA LEU A 6 -1.96 5.55 -22.77
C LEU A 6 -2.58 5.80 -24.14
N GLU A 7 -3.81 5.34 -24.35
CA GLU A 7 -4.46 5.53 -25.65
C GLU A 7 -4.64 7.02 -25.96
N GLN A 8 -4.99 7.82 -24.94
CA GLN A 8 -5.10 9.25 -25.15
C GLN A 8 -3.74 9.85 -25.53
N VAL A 9 -2.66 9.40 -24.90
CA VAL A 9 -1.34 9.93 -25.20
C VAL A 9 -0.92 9.52 -26.61
N LEU A 10 -1.11 8.25 -26.96
CA LEU A 10 -0.69 7.78 -28.28
C LEU A 10 -1.44 8.49 -29.39
N GLU A 11 -2.75 8.70 -29.22
CA GLU A 11 -3.52 9.43 -30.22
C GLU A 11 -2.97 10.82 -30.45
N ARG A 12 -2.42 11.45 -29.41
CA ARG A 12 -1.93 12.82 -29.54
C ARG A 12 -0.48 12.89 -30.00
N TYR A 13 0.37 11.96 -29.53
CA TYR A 13 1.81 12.13 -29.67
C TYR A 13 2.52 11.07 -30.51
N LEU A 14 1.88 9.93 -30.79
CA LEU A 14 2.61 8.83 -31.44
C LEU A 14 3.17 9.26 -32.80
N ASN A 15 2.37 9.98 -33.59
CA ASN A 15 2.85 10.62 -34.81
C ASN A 15 3.45 9.60 -35.78
N GLY A 16 2.80 8.45 -35.91
CA GLY A 16 3.21 7.44 -36.86
C GLY A 16 4.43 6.62 -36.48
N ARG A 17 4.92 6.75 -35.25
CA ARG A 17 6.08 5.98 -34.83
C ARG A 17 5.65 4.59 -34.35
N GLU A 18 6.65 3.76 -34.03
CA GLU A 18 6.42 2.44 -33.48
C GLU A 18 6.50 2.49 -31.96
N VAL A 19 5.57 1.81 -31.30
CA VAL A 19 5.61 1.70 -29.85
C VAL A 19 6.63 0.63 -29.48
N ALA A 20 7.63 1.01 -28.69
CA ALA A 20 8.65 0.08 -28.21
C ALA A 20 8.33 -0.27 -26.77
N VAL A 21 7.97 -1.54 -26.54
CA VAL A 21 7.55 -2.00 -25.22
C VAL A 21 8.79 -2.28 -24.38
N TRP A 22 8.95 -1.54 -23.29
CA TRP A 22 10.06 -1.71 -22.35
C TRP A 22 9.53 -2.43 -21.13
N GLY A 23 9.62 -3.76 -21.15
CA GLY A 23 9.11 -4.59 -20.08
C GLY A 23 8.25 -5.71 -20.60
N VAL A 24 7.80 -6.56 -19.67
CA VAL A 24 7.00 -7.74 -20.00
C VAL A 24 5.61 -7.30 -20.42
N PRO A 25 5.15 -7.66 -21.61
CA PRO A 25 3.81 -7.26 -22.03
C PRO A 25 2.74 -8.02 -21.26
N THR A 26 1.62 -7.35 -21.01
CA THR A 26 0.50 -7.92 -20.30
C THR A 26 -0.71 -8.00 -21.22
N ARG A 27 -1.73 -8.74 -20.77
CA ARG A 27 -2.98 -8.82 -21.51
C ARG A 27 -3.59 -7.43 -21.69
N ARG A 28 -3.64 -6.65 -20.62
CA ARG A 28 -4.23 -5.31 -20.71
C ARG A 28 -3.42 -4.40 -21.63
N LEU A 29 -2.10 -4.57 -21.68
CA LEU A 29 -1.28 -3.73 -22.54
C LEU A 29 -1.52 -4.07 -24.01
N LEU A 30 -1.47 -5.36 -24.35
CA LEU A 30 -1.60 -5.75 -25.75
C LEU A 30 -2.97 -5.38 -26.31
N ARG A 31 -4.02 -5.41 -25.49
CA ARG A 31 -5.31 -4.93 -25.95
C ARG A 31 -5.27 -3.44 -26.23
N ALA A 32 -4.57 -2.68 -25.38
CA ALA A 32 -4.44 -1.24 -25.60
C ALA A 32 -3.57 -0.90 -26.79
N LEU A 33 -2.70 -1.81 -27.22
CA LEU A 33 -1.74 -1.55 -28.28
C LEU A 33 -2.16 -2.08 -29.65
N LYS A 34 -3.32 -2.73 -29.74
CA LYS A 34 -3.72 -3.35 -31.01
C LYS A 34 -3.81 -2.36 -32.16
N PRO A 35 -4.42 -1.18 -32.03
CA PRO A 35 -4.50 -0.26 -33.19
C PRO A 35 -3.15 0.24 -33.68
N PHE A 36 -2.09 0.05 -32.91
CA PHE A 36 -0.77 0.58 -33.26
C PHE A 36 0.21 -0.56 -33.52
N LYS A 37 1.33 -0.19 -34.13
CA LYS A 37 2.43 -1.11 -34.35
C LYS A 37 3.36 -1.08 -33.13
N PHE A 38 3.74 -2.26 -32.64
CA PHE A 38 4.54 -2.34 -31.44
C PHE A 38 5.46 -3.55 -31.51
N HIS A 39 6.57 -3.45 -30.79
CA HIS A 39 7.56 -4.52 -30.67
C HIS A 39 8.23 -4.40 -29.31
N THR A 40 8.83 -5.50 -28.87
CA THR A 40 9.76 -5.44 -27.75
C THR A 40 10.83 -4.39 -28.02
N ALA A 41 11.10 -3.57 -27.01
CA ALA A 41 12.11 -2.52 -27.17
C ALA A 41 13.50 -3.12 -27.15
N ASP A 42 14.33 -2.73 -28.11
CA ASP A 42 15.75 -3.08 -28.11
C ASP A 42 16.55 -1.80 -28.27
N ARG A 43 16.96 -1.49 -29.49
CA ARG A 43 17.56 -0.19 -29.80
C ARG A 43 16.46 0.76 -30.26
N VAL A 44 16.38 1.94 -29.64
CA VAL A 44 15.29 2.87 -29.90
C VAL A 44 15.85 4.26 -30.17
N ASP A 45 15.11 5.02 -30.97
CA ASP A 45 15.39 6.40 -31.29
C ASP A 45 14.06 7.14 -31.28
N PRO A 46 14.02 8.35 -30.71
CA PRO A 46 12.74 9.08 -30.65
C PRO A 46 12.17 9.45 -32.01
N GLN A 47 12.98 9.39 -33.08
CA GLN A 47 12.46 9.66 -34.42
C GLN A 47 11.57 8.54 -34.92
N TYR A 48 11.82 7.30 -34.48
CA TYR A 48 11.07 6.16 -34.98
C TYR A 48 10.36 5.36 -33.89
N HIS A 49 10.59 5.66 -32.62
CA HIS A 49 10.06 4.83 -31.54
C HIS A 49 9.42 5.68 -30.44
N TYR A 50 8.31 5.18 -29.92
CA TYR A 50 7.69 5.70 -28.70
C TYR A 50 7.79 4.62 -27.65
N VAL A 51 8.51 4.89 -26.57
CA VAL A 51 8.81 3.89 -25.56
C VAL A 51 7.67 3.83 -24.56
N VAL A 52 7.10 2.65 -24.36
CA VAL A 52 6.09 2.43 -23.34
C VAL A 52 6.68 1.48 -22.30
N ALA A 53 7.00 2.02 -21.13
CA ALA A 53 7.37 1.20 -19.99
C ALA A 53 6.11 0.60 -19.39
N VAL A 54 6.13 -0.71 -19.14
CA VAL A 54 4.93 -1.38 -18.63
C VAL A 54 4.67 -0.96 -17.19
N THR A 55 5.64 -1.17 -16.31
CA THR A 55 5.52 -0.82 -14.90
C THR A 55 6.46 0.32 -14.56
N ASP A 56 6.24 0.92 -13.38
CA ASP A 56 7.16 1.96 -12.91
CA ASP A 56 7.15 1.95 -12.89
C ASP A 56 8.56 1.40 -12.71
N ASP A 57 8.67 0.12 -12.36
CA ASP A 57 9.98 -0.51 -12.28
C ASP A 57 10.66 -0.52 -13.64
N ASP A 58 9.90 -0.79 -14.70
CA ASP A 58 10.44 -0.75 -16.05
C ASP A 58 10.88 0.66 -16.42
N LEU A 59 10.08 1.66 -16.07
CA LEU A 59 10.45 3.03 -16.36
C LEU A 59 11.74 3.41 -15.67
N THR A 60 11.91 2.96 -14.42
CA THR A 60 13.17 3.18 -13.71
C THR A 60 14.34 2.63 -14.50
N ASP A 61 14.19 1.43 -15.05
CA ASP A 61 15.26 0.84 -15.85
C ASP A 61 15.49 1.64 -17.13
N PHE A 62 14.41 2.10 -17.77
CA PHE A 62 14.53 2.83 -19.02
C PHE A 62 15.29 4.14 -18.82
N LEU A 63 14.92 4.90 -17.78
CA LEU A 63 15.59 6.17 -17.52
C LEU A 63 17.04 5.99 -17.08
N SER A 64 17.41 4.82 -16.56
CA SER A 64 18.81 4.52 -16.28
C SER A 64 19.58 4.15 -17.54
N ASP A 65 18.89 3.85 -18.63
CA ASP A 65 19.54 3.49 -19.88
C ASP A 65 19.96 4.74 -20.63
N GLU A 66 21.12 4.65 -21.30
CA GLU A 66 21.63 5.81 -22.04
C GLU A 66 20.74 6.20 -23.21
N GLN A 67 19.83 5.33 -23.63
CA GLN A 67 18.97 5.66 -24.77
C GLN A 67 17.89 6.65 -24.39
N SER A 68 17.50 6.69 -23.11
CA SER A 68 16.38 7.53 -22.68
C SER A 68 16.73 9.02 -22.68
N LYS A 69 17.99 9.38 -22.89
CA LYS A 69 18.37 10.79 -22.78
C LYS A 69 17.73 11.64 -23.85
N SER A 70 17.45 11.06 -25.02
CA SER A 70 16.83 11.77 -26.13
C SER A 70 15.31 11.68 -26.11
N PHE A 71 14.73 10.99 -25.15
CA PHE A 71 13.28 10.79 -25.08
C PHE A 71 12.67 11.75 -24.07
N GLN A 72 11.64 12.48 -24.50
CA GLN A 72 10.95 13.46 -23.65
C GLN A 72 9.68 12.85 -23.09
N TYR A 73 9.40 13.15 -21.82
CA TYR A 73 8.25 12.59 -21.13
C TYR A 73 6.96 12.91 -21.86
N ALA A 74 6.09 11.89 -21.96
CA ALA A 74 4.77 11.97 -22.59
C ALA A 74 4.88 12.13 -24.10
N ASN A 75 5.69 13.09 -24.56
CA ASN A 75 5.87 13.26 -26.00
C ASN A 75 6.48 12.01 -26.63
N ASP A 76 7.43 11.38 -25.94
CA ASP A 76 8.17 10.26 -26.49
C ASP A 76 8.11 8.99 -25.66
N TYR A 77 7.70 9.06 -24.39
CA TYR A 77 7.61 7.85 -23.58
C TYR A 77 6.55 8.02 -22.50
N LEU A 78 6.09 6.87 -22.00
CA LEU A 78 5.05 6.85 -20.98
C LEU A 78 5.10 5.51 -20.27
N THR A 79 4.51 5.48 -19.08
CA THR A 79 4.34 4.25 -18.31
C THR A 79 2.90 3.78 -18.44
N PHE A 80 2.71 2.50 -18.74
CA PHE A 80 1.36 1.99 -18.95
C PHE A 80 0.61 1.84 -17.64
N ASP A 81 1.23 1.22 -16.63
CA ASP A 81 0.61 1.01 -15.32
C ASP A 81 0.72 2.28 -14.47
N ASP A 82 0.27 3.39 -15.04
CA ASP A 82 0.39 4.68 -14.38
C ASP A 82 -0.82 5.55 -14.70
N GLU A 83 -2.02 4.99 -14.51
CA GLU A 83 -3.24 5.67 -14.93
C GLU A 83 -3.44 7.01 -14.22
N GLY A 84 -2.89 7.15 -13.02
CA GLY A 84 -2.98 8.41 -12.30
C GLY A 84 -1.88 9.39 -12.59
N GLY A 85 -0.91 9.03 -13.44
CA GLY A 85 0.23 9.91 -13.69
C GLY A 85 -0.15 11.17 -14.44
N GLU A 86 0.65 12.21 -14.24
CA GLU A 86 0.37 13.50 -14.85
C GLU A 86 0.56 13.44 -16.37
N LEU A 87 -0.11 14.38 -17.04
CA LEU A 87 0.07 14.62 -18.46
C LEU A 87 0.12 16.12 -18.69
N PRO A 88 0.86 16.58 -19.71
CA PRO A 88 0.93 18.01 -19.99
C PRO A 88 -0.34 18.58 -20.62
N PHE A 89 -1.35 17.76 -20.88
CA PHE A 89 -2.60 18.21 -21.46
C PHE A 89 -3.78 17.64 -20.69
N GLU A 90 -4.93 18.30 -20.82
CA GLU A 90 -6.14 17.86 -20.14
C GLU A 90 -6.56 16.48 -20.64
N ARG A 91 -6.81 15.57 -19.70
CA ARG A 91 -7.07 14.18 -20.01
C ARG A 91 -8.36 13.71 -19.33
N MET A 92 -8.75 12.49 -19.66
CA MET A 92 -9.85 11.81 -19.00
C MET A 92 -9.32 10.58 -18.26
N CYS A 93 -9.89 10.29 -17.10
CA CYS A 93 -9.58 9.08 -16.35
C CYS A 93 -10.94 8.48 -15.97
N PHE A 94 -11.37 7.45 -16.70
CA PHE A 94 -12.68 6.84 -16.53
C PHE A 94 -13.79 7.89 -16.62
N ASN A 95 -13.70 8.72 -17.67
CA ASN A 95 -14.67 9.78 -17.97
C ASN A 95 -14.64 10.90 -16.93
N VAL A 96 -13.56 11.06 -16.18
CA VAL A 96 -13.37 12.17 -15.25
C VAL A 96 -12.35 13.13 -15.86
N PRO A 97 -12.70 14.39 -16.10
CA PRO A 97 -11.70 15.34 -16.59
C PRO A 97 -10.63 15.60 -15.55
N VAL A 98 -9.36 15.56 -15.99
CA VAL A 98 -8.21 15.82 -15.14
C VAL A 98 -7.34 16.87 -15.83
N GLY A 99 -6.95 17.91 -15.08
CA GLY A 99 -6.22 19.01 -15.65
C GLY A 99 -4.73 18.71 -15.85
N ARG A 100 -4.06 19.66 -16.51
CA ARG A 100 -2.65 19.53 -16.82
C ARG A 100 -1.82 19.37 -15.55
N GLN A 101 -0.77 18.55 -15.64
CA GLN A 101 0.21 18.39 -14.57
C GLN A 101 -0.42 18.00 -13.24
N THR A 102 -1.48 17.20 -13.29
CA THR A 102 -2.17 16.71 -12.11
C THR A 102 -1.97 15.20 -12.02
N TYR A 103 -1.61 14.72 -10.83
CA TYR A 103 -1.36 13.30 -10.63
C TYR A 103 -2.04 12.81 -9.37
N PHE A 104 -2.25 11.51 -9.32
CA PHE A 104 -2.81 10.83 -8.16
C PHE A 104 -2.47 9.35 -8.28
N GLY A 105 -2.82 8.59 -7.24
CA GLY A 105 -2.50 7.19 -7.15
C GLY A 105 -3.66 6.28 -7.50
N ASP A 106 -3.44 4.97 -7.33
CA ASP A 106 -4.42 3.98 -7.73
C ASP A 106 -5.72 4.11 -6.95
N GLY A 107 -5.64 4.53 -5.68
CA GLY A 107 -6.85 4.71 -4.91
C GLY A 107 -7.78 5.74 -5.52
N VAL A 108 -7.22 6.87 -5.98
CA VAL A 108 -8.04 7.89 -6.62
C VAL A 108 -8.45 7.45 -8.01
N VAL A 109 -7.64 6.63 -8.67
CA VAL A 109 -8.04 6.05 -9.96
C VAL A 109 -9.30 5.22 -9.78
N GLY A 110 -9.35 4.40 -8.74
CA GLY A 110 -10.56 3.64 -8.47
C GLY A 110 -11.74 4.53 -8.13
N ALA A 111 -11.48 5.64 -7.44
CA ALA A 111 -12.56 6.58 -7.13
C ALA A 111 -13.16 7.19 -8.39
N CYS A 112 -12.31 7.55 -9.36
CA CYS A 112 -12.81 7.99 -10.66
C CYS A 112 -13.67 6.92 -11.31
N GLU A 113 -13.19 5.67 -11.29
CA GLU A 113 -13.92 4.57 -11.88
C GLU A 113 -15.23 4.32 -11.14
N ASN A 114 -15.23 4.49 -9.81
CA ASN A 114 -16.43 4.30 -9.02
C ASN A 114 -17.46 5.42 -9.21
N GLY A 115 -17.11 6.49 -9.92
CA GLY A 115 -18.03 7.59 -10.09
C GLY A 115 -18.05 8.58 -8.95
N TYR A 116 -17.02 8.56 -8.09
CA TYR A 116 -16.98 9.44 -6.93
C TYR A 116 -16.51 10.85 -7.25
N ILE A 117 -15.85 11.06 -8.39
CA ILE A 117 -15.21 12.32 -8.72
C ILE A 117 -15.90 12.91 -9.93
N LYS A 118 -16.23 14.21 -9.86
CA LYS A 118 -16.75 14.92 -11.02
C LYS A 118 -15.64 15.46 -11.91
N SER A 119 -14.58 15.99 -11.30
CA SER A 119 -13.46 16.55 -12.05
C SER A 119 -12.32 16.82 -11.07
N ILE A 120 -11.11 16.90 -11.61
CA ILE A 120 -9.94 17.29 -10.85
C ILE A 120 -9.22 18.38 -11.61
N GLY A 121 -8.83 19.45 -10.90
CA GLY A 121 -8.28 20.62 -11.54
C GLY A 121 -6.87 20.48 -12.08
N GLN A 122 -6.24 21.62 -12.35
CA GLN A 122 -4.90 21.67 -12.93
C GLN A 122 -3.85 21.87 -11.85
N PHE A 123 -2.67 21.29 -12.09
CA PHE A 123 -1.52 21.44 -11.18
C PHE A 123 -1.87 20.97 -9.77
N THR A 124 -2.57 19.85 -9.68
CA THR A 124 -3.00 19.29 -8.41
C THR A 124 -2.18 18.05 -8.11
N SER A 125 -1.75 17.94 -6.85
CA SER A 125 -0.81 16.90 -6.42
C SER A 125 -1.47 16.07 -5.34
N ILE A 126 -1.73 14.81 -5.62
CA ILE A 126 -2.38 13.89 -4.69
C ILE A 126 -1.44 12.73 -4.45
N ASN A 127 -0.98 12.58 -3.20
CA ASN A 127 -0.03 11.53 -2.87
C ASN A 127 -0.60 10.16 -3.21
N GLY A 128 0.29 9.24 -3.57
CA GLY A 128 -0.12 7.93 -4.07
C GLY A 128 -0.91 7.10 -3.08
N THR A 129 -0.76 7.36 -1.78
CA THR A 129 -1.47 6.60 -0.76
C THR A 129 -2.73 7.31 -0.27
N ALA A 130 -3.06 8.48 -0.81
CA ALA A 130 -4.33 9.12 -0.48
C ALA A 130 -5.49 8.27 -0.99
N GLU A 131 -6.57 8.22 -0.22
CA GLU A 131 -7.67 7.34 -0.56
C GLU A 131 -9.00 8.07 -0.41
N ILE A 132 -9.94 7.72 -1.28
CA ILE A 132 -11.27 8.33 -1.34
C ILE A 132 -12.28 7.20 -1.38
N HIS A 133 -12.98 6.99 -0.26
CA HIS A 133 -13.98 5.95 -0.16
C HIS A 133 -15.30 6.53 0.32
N ALA A 134 -16.38 5.83 -0.01
CA ALA A 134 -17.70 6.14 0.50
C ALA A 134 -18.06 5.15 1.62
N ASN A 135 -19.16 5.45 2.31
CA ASN A 135 -19.64 4.60 3.38
C ASN A 135 -20.56 3.52 2.85
N HIS A 136 -20.56 2.37 3.52
CA HIS A 136 -21.62 1.39 3.31
C HIS A 136 -22.92 1.93 3.93
N GLN A 137 -24.02 1.25 3.64
CA GLN A 137 -25.29 1.61 4.26
C GLN A 137 -25.19 1.43 5.77
N LEU A 138 -25.72 2.42 6.50
CA LEU A 138 -25.66 2.42 7.96
C LEU A 138 -27.02 2.31 8.60
N ASN A 139 -28.09 2.15 7.82
CA ASN A 139 -29.45 2.12 8.34
C ASN A 139 -30.15 0.79 8.08
N MET A 140 -29.42 -0.26 7.72
CA MET A 140 -29.99 -1.57 7.51
C MET A 140 -29.52 -2.52 8.60
N THR A 141 -30.11 -3.72 8.62
CA THR A 141 -29.69 -4.73 9.58
C THR A 141 -28.26 -5.18 9.32
N PHE A 142 -27.81 -5.12 8.07
CA PHE A 142 -26.48 -5.55 7.68
C PHE A 142 -25.69 -4.36 7.14
N VAL A 143 -24.37 -4.44 7.29
CA VAL A 143 -23.45 -3.44 6.74
C VAL A 143 -22.67 -3.98 5.55
N SER A 144 -22.69 -5.29 5.32
CA SER A 144 -21.98 -5.89 4.20
C SER A 144 -22.49 -5.36 2.86
N ASP A 145 -21.58 -5.26 1.90
CA ASP A 145 -21.96 -4.99 0.51
C ASP A 145 -22.00 -6.25 -0.34
N ASP A 146 -21.08 -7.20 -0.11
CA ASP A 146 -21.02 -8.39 -0.96
C ASP A 146 -22.15 -9.37 -0.69
N ILE A 147 -22.94 -9.18 0.36
CA ILE A 147 -24.15 -9.97 0.54
C ILE A 147 -25.04 -9.88 -0.70
N GLN A 148 -25.00 -8.73 -1.40
CA GLN A 148 -25.83 -8.56 -2.58
C GLN A 148 -25.49 -9.55 -3.70
N ASN A 149 -24.31 -10.19 -3.62
CA ASN A 149 -24.00 -11.25 -4.58
C ASN A 149 -24.90 -12.47 -4.41
N PHE A 150 -25.57 -12.60 -3.27
CA PHE A 150 -26.58 -13.63 -3.09
C PHE A 150 -27.99 -13.13 -3.38
N PHE A 151 -28.17 -11.83 -3.60
CA PHE A 151 -29.50 -11.29 -3.88
C PHE A 151 -29.94 -11.64 -5.28
N ASN A 152 -31.15 -12.20 -5.40
CA ASN A 152 -31.75 -12.35 -6.72
C ASN A 152 -32.27 -11.00 -7.19
N GLU A 153 -32.90 -10.99 -8.37
CA GLU A 153 -33.43 -9.76 -8.93
C GLU A 153 -34.40 -9.07 -7.97
N GLU A 154 -35.26 -9.86 -7.30
CA GLU A 154 -36.27 -9.27 -6.43
C GLU A 154 -35.63 -8.61 -5.21
N SER A 155 -34.69 -9.30 -4.56
CA SER A 155 -34.01 -8.72 -3.40
C SER A 155 -33.11 -7.55 -3.82
N MET A 156 -32.46 -7.65 -4.97
CA MET A 156 -31.57 -6.57 -5.40
C MET A 156 -32.34 -5.28 -5.64
N ALA A 157 -33.55 -5.40 -6.20
CA ALA A 157 -34.34 -4.20 -6.52
C ALA A 157 -34.67 -3.41 -5.27
N VAL A 158 -35.16 -4.09 -4.22
CA VAL A 158 -35.53 -3.40 -2.99
C VAL A 158 -34.28 -2.95 -2.23
N PHE A 159 -33.18 -3.68 -2.35
CA PHE A 159 -31.93 -3.23 -1.74
C PHE A 159 -31.43 -1.96 -2.41
N GLN A 160 -31.39 -1.95 -3.74
CA GLN A 160 -30.89 -0.78 -4.47
C GLN A 160 -31.78 0.43 -4.24
N GLU A 161 -33.10 0.22 -4.13
CA GLU A 161 -34.01 1.34 -3.96
C GLU A 161 -33.80 2.04 -2.62
N LYS A 162 -33.56 1.27 -1.55
CA LYS A 162 -33.36 1.90 -0.25
C LYS A 162 -32.05 2.67 -0.20
N LEU A 163 -30.98 2.13 -0.79
CA LEU A 163 -29.74 2.88 -0.93
C LEU A 163 -29.99 4.22 -1.64
N ARG A 164 -30.83 4.20 -2.68
CA ARG A 164 -31.08 5.40 -3.46
C ARG A 164 -31.71 6.50 -2.61
N LYS A 165 -32.57 6.13 -1.67
CA LYS A 165 -33.32 7.08 -0.87
C LYS A 165 -32.64 7.40 0.46
N ASP A 166 -31.48 6.82 0.72
CA ASP A 166 -30.76 7.04 1.98
C ASP A 166 -30.12 8.42 1.97
N PRO A 167 -30.49 9.31 2.90
CA PRO A 167 -29.92 10.67 2.88
C PRO A 167 -28.44 10.72 3.23
N LYS A 168 -27.87 9.67 3.81
CA LYS A 168 -26.44 9.64 4.12
C LYS A 168 -25.58 9.27 2.93
N HIS A 169 -26.20 8.98 1.77
CA HIS A 169 -25.51 8.70 0.52
C HIS A 169 -24.52 7.53 0.64
N PRO A 170 -24.99 6.33 0.97
CA PRO A 170 -24.09 5.17 0.93
C PRO A 170 -23.61 4.92 -0.48
N TYR A 171 -22.33 4.58 -0.61
CA TYR A 171 -21.70 4.35 -1.92
C TYR A 171 -21.84 5.57 -2.83
N ALA A 172 -21.93 6.75 -2.22
CA ALA A 172 -22.05 8.04 -2.92
C ALA A 172 -23.33 8.13 -3.75
N TYR A 173 -24.36 7.37 -3.39
CA TYR A 173 -25.63 7.46 -4.09
C TYR A 173 -26.30 8.80 -3.85
N SER A 174 -27.05 9.27 -4.86
CA SER A 174 -27.95 10.41 -4.74
C SER A 174 -27.25 11.67 -4.25
N LYS A 175 -26.03 11.90 -4.73
CA LYS A 175 -25.31 13.12 -4.42
C LYS A 175 -24.42 13.48 -5.60
N GLU A 176 -24.01 14.74 -5.65
CA GLU A 176 -23.13 15.20 -6.71
C GLU A 176 -21.76 14.56 -6.55
N PRO A 177 -21.14 14.10 -7.64
CA PRO A 177 -19.75 13.66 -7.56
C PRO A 177 -18.84 14.79 -7.10
N MET A 178 -17.76 14.40 -6.43
CA MET A 178 -16.89 15.35 -5.77
C MET A 178 -16.03 16.11 -6.79
N THR A 179 -15.94 17.43 -6.63
CA THR A 179 -15.05 18.25 -7.41
C THR A 179 -13.78 18.52 -6.63
N ILE A 180 -12.63 18.37 -7.27
CA ILE A 180 -11.34 18.66 -6.67
C ILE A 180 -10.71 19.78 -7.50
N GLY A 181 -10.39 20.89 -6.85
CA GLY A 181 -9.96 22.09 -7.55
C GLY A 181 -8.55 22.04 -8.11
N SER A 182 -8.03 23.20 -8.49
CA SER A 182 -6.70 23.33 -9.05
C SER A 182 -5.72 23.76 -7.96
N ASP A 183 -4.43 23.45 -8.20
CA ASP A 183 -3.36 23.76 -7.25
C ASP A 183 -3.67 23.20 -5.87
N VAL A 184 -4.28 22.01 -5.84
CA VAL A 184 -4.61 21.31 -4.61
C VAL A 184 -3.47 20.37 -4.27
N TYR A 185 -3.22 20.19 -2.97
CA TYR A 185 -2.25 19.22 -2.49
C TYR A 185 -2.91 18.35 -1.45
N ILE A 186 -2.82 17.03 -1.65
CA ILE A 186 -3.34 16.05 -0.71
C ILE A 186 -2.19 15.16 -0.27
N GLY A 187 -1.97 15.05 1.04
CA GLY A 187 -0.80 14.40 1.58
C GLY A 187 -0.95 12.90 1.73
N ALA A 188 0.11 12.29 2.25
CA ALA A 188 0.17 10.84 2.39
C ALA A 188 -0.90 10.32 3.35
N HIS A 189 -1.43 9.14 3.01
CA HIS A 189 -2.50 8.40 3.69
CA HIS A 189 -2.39 8.44 3.86
C HIS A 189 -3.60 9.30 4.24
N ALA A 190 -3.93 10.35 3.48
CA ALA A 190 -5.11 11.12 3.81
C ALA A 190 -6.37 10.43 3.28
N PHE A 191 -7.51 10.76 3.89
CA PHE A 191 -8.78 10.14 3.54
C PHE A 191 -9.85 11.20 3.30
N ILE A 192 -10.62 11.02 2.24
CA ILE A 192 -11.75 11.89 1.92
C ILE A 192 -13.00 11.01 1.79
N ASN A 193 -14.06 11.35 2.51
CA ASN A 193 -15.28 10.57 2.53
C ASN A 193 -16.18 11.00 1.38
N ALA A 194 -16.37 10.10 0.41
CA ALA A 194 -17.12 10.43 -0.79
C ALA A 194 -18.62 10.52 -0.55
N SER A 195 -19.13 10.00 0.57
CA SER A 195 -20.55 10.09 0.86
C SER A 195 -20.96 11.50 1.30
N THR A 196 -20.04 12.28 1.85
CA THR A 196 -20.38 13.58 2.40
C THR A 196 -19.67 14.76 1.73
N VAL A 197 -18.53 14.54 1.08
CA VAL A 197 -17.75 15.63 0.51
C VAL A 197 -18.16 15.82 -0.95
N THR A 198 -18.43 17.07 -1.34
CA THR A 198 -18.71 17.41 -2.71
C THR A 198 -17.70 18.36 -3.33
N SER A 199 -16.84 19.00 -2.54
CA SER A 199 -15.88 19.94 -3.12
C SER A 199 -14.63 20.07 -2.26
N ILE A 200 -13.48 19.93 -2.91
CA ILE A 200 -12.19 20.36 -2.37
C ILE A 200 -11.80 21.60 -3.17
N GLY A 201 -11.88 22.77 -2.54
CA GLY A 201 -11.72 24.01 -3.26
C GLY A 201 -10.32 24.18 -3.84
N ASP A 202 -10.22 25.11 -4.79
CA ASP A 202 -8.94 25.45 -5.40
C ASP A 202 -7.93 25.82 -4.33
N GLY A 203 -6.69 25.35 -4.51
CA GLY A 203 -5.61 25.70 -3.61
C GLY A 203 -5.65 25.05 -2.25
N ALA A 204 -6.60 24.16 -1.99
CA ALA A 204 -6.69 23.53 -0.68
C ALA A 204 -5.53 22.57 -0.45
N ILE A 205 -5.04 22.53 0.78
CA ILE A 205 -4.00 21.61 1.20
C ILE A 205 -4.60 20.66 2.24
N ILE A 206 -4.48 19.36 1.99
CA ILE A 206 -4.92 18.33 2.92
C ILE A 206 -3.66 17.67 3.48
N GLY A 207 -3.41 17.87 4.77
CA GLY A 207 -2.19 17.39 5.37
C GLY A 207 -2.15 15.88 5.51
N SER A 208 -0.93 15.36 5.67
CA SER A 208 -0.73 13.93 5.83
C SER A 208 -1.50 13.41 7.03
N GLY A 209 -2.35 12.41 6.80
CA GLY A 209 -3.13 11.82 7.87
C GLY A 209 -4.48 12.44 8.11
N ALA A 210 -4.82 13.53 7.44
CA ALA A 210 -6.10 14.20 7.66
C ALA A 210 -7.24 13.31 7.18
N VAL A 211 -8.28 13.21 7.98
CA VAL A 211 -9.52 12.53 7.59
C VAL A 211 -10.56 13.61 7.32
N VAL A 212 -10.89 13.80 6.05
CA VAL A 212 -11.72 14.90 5.60
C VAL A 212 -13.15 14.40 5.47
N LEU A 213 -14.04 14.94 6.30
CA LEU A 213 -15.45 14.53 6.31
C LEU A 213 -16.38 15.58 5.74
N GLU A 214 -15.92 16.81 5.51
CA GLU A 214 -16.77 17.83 4.90
C GLU A 214 -15.93 18.64 3.92
N ASN A 215 -16.62 19.50 3.17
CA ASN A 215 -15.97 20.25 2.10
C ASN A 215 -14.86 21.13 2.65
N VAL A 216 -13.81 21.30 1.85
CA VAL A 216 -12.64 22.10 2.20
C VAL A 216 -12.72 23.40 1.43
N PRO A 217 -12.79 24.55 2.09
CA PRO A 217 -12.88 25.83 1.36
C PRO A 217 -11.62 26.09 0.56
N PRO A 218 -11.71 26.93 -0.47
CA PRO A 218 -10.52 27.26 -1.26
C PRO A 218 -9.37 27.78 -0.39
N PHE A 219 -8.18 27.23 -0.63
CA PHE A 219 -6.93 27.67 -0.01
C PHE A 219 -6.89 27.44 1.49
N ALA A 220 -7.77 26.59 2.01
CA ALA A 220 -7.69 26.18 3.41
C ALA A 220 -6.72 25.01 3.57
N VAL A 221 -6.00 25.01 4.69
CA VAL A 221 -5.07 23.94 5.05
C VAL A 221 -5.72 23.14 6.17
N VAL A 222 -6.05 21.87 5.91
CA VAL A 222 -6.76 21.03 6.87
C VAL A 222 -5.84 19.92 7.34
N VAL A 223 -5.87 19.64 8.65
CA VAL A 223 -5.04 18.63 9.28
C VAL A 223 -5.86 17.92 10.36
N GLY A 224 -5.35 16.77 10.81
CA GLY A 224 -5.85 16.11 11.99
C GLY A 224 -6.93 15.09 11.72
N VAL A 225 -7.32 14.41 12.79
CA VAL A 225 -8.35 13.37 12.79
C VAL A 225 -9.41 13.72 13.83
N PRO A 226 -10.52 14.36 13.46
CA PRO A 226 -10.91 14.74 12.09
C PRO A 226 -10.22 15.99 11.57
N ALA A 227 -10.35 16.24 10.27
CA ALA A 227 -9.68 17.37 9.64
C ALA A 227 -10.26 18.69 10.14
N ARG A 228 -9.37 19.61 10.52
CA ARG A 228 -9.73 20.95 10.93
C ARG A 228 -8.89 21.95 10.13
N ILE A 229 -9.43 23.16 9.96
CA ILE A 229 -8.72 24.20 9.21
C ILE A 229 -7.63 24.77 10.09
N LYS A 230 -6.38 24.47 9.74
CA LYS A 230 -5.24 24.96 10.50
C LYS A 230 -4.91 26.41 10.15
N ARG A 231 -5.03 26.76 8.87
CA ARG A 231 -4.74 28.10 8.39
C ARG A 231 -5.25 28.19 6.95
N TYR A 232 -5.35 29.42 6.46
CA TYR A 232 -5.52 29.67 5.04
C TYR A 232 -4.18 30.08 4.44
N ARG A 233 -3.99 29.76 3.16
CA ARG A 233 -2.69 30.01 2.54
C ARG A 233 -2.40 31.49 2.38
N PHE A 234 -3.42 32.30 2.09
CA PHE A 234 -3.23 33.70 1.79
C PHE A 234 -4.30 34.53 2.49
N SER A 235 -4.18 35.85 2.35
CA SER A 235 -5.18 36.76 2.87
C SER A 235 -6.50 36.60 2.11
N LYS A 236 -7.55 37.20 2.68
CA LYS A 236 -8.86 37.16 2.04
C LYS A 236 -8.81 37.81 0.66
N GLU A 237 -8.16 38.96 0.55
CA GLU A 237 -8.12 39.69 -0.72
C GLU A 237 -7.33 38.92 -1.77
N MET A 238 -6.26 38.24 -1.36
CA MET A 238 -5.49 37.47 -2.33
C MET A 238 -6.27 36.24 -2.80
N ILE A 239 -7.00 35.59 -1.89
CA ILE A 239 -7.86 34.48 -2.29
C ILE A 239 -8.87 34.94 -3.33
N GLU A 240 -9.52 36.09 -3.07
CA GLU A 240 -10.46 36.64 -4.03
C GLU A 240 -9.78 36.97 -5.35
N THR A 241 -8.58 37.55 -5.30
CA THR A 241 -7.84 37.83 -6.53
C THR A 241 -7.50 36.56 -7.28
N LEU A 242 -7.04 35.53 -6.55
CA LEU A 242 -6.65 34.27 -7.20
C LEU A 242 -7.84 33.63 -7.90
N LEU A 243 -9.01 33.65 -7.27
CA LEU A 243 -10.20 33.05 -7.86
C LEU A 243 -10.65 33.81 -9.12
N ARG A 244 -10.26 35.06 -9.27
CA ARG A 244 -10.56 35.80 -10.48
C ARG A 244 -9.47 35.63 -11.54
N VAL A 245 -8.20 35.64 -11.12
CA VAL A 245 -7.11 35.54 -12.09
C VAL A 245 -7.04 34.15 -12.69
N LYS A 246 -7.19 33.12 -11.86
CA LYS A 246 -7.15 31.73 -12.30
C LYS A 246 -5.87 31.42 -13.08
N TRP A 247 -4.73 31.58 -12.39
CA TRP A 247 -3.44 31.33 -13.03
C TRP A 247 -3.31 29.90 -13.51
N TRP A 248 -4.05 28.96 -12.90
CA TRP A 248 -3.98 27.56 -13.30
C TRP A 248 -4.54 27.31 -14.69
N ASP A 249 -5.23 28.29 -15.28
CA ASP A 249 -5.68 28.20 -16.66
C ASP A 249 -4.74 28.90 -17.63
N TRP A 250 -3.59 29.39 -17.15
CA TRP A 250 -2.66 30.13 -18.00
C TRP A 250 -1.96 29.21 -19.00
N SER A 251 -1.57 29.80 -20.12
CA SER A 251 -0.72 29.14 -21.09
C SER A 251 0.62 28.77 -20.46
N ILE A 252 1.35 27.89 -21.15
CA ILE A 252 2.70 27.54 -20.71
C ILE A 252 3.60 28.78 -20.70
N GLU A 253 3.50 29.60 -21.75
CA GLU A 253 4.36 30.78 -21.84
C GLU A 253 3.91 31.85 -20.84
N GLU A 254 2.61 31.98 -20.60
CA GLU A 254 2.13 32.89 -19.56
C GLU A 254 2.70 32.52 -18.21
N ILE A 255 2.73 31.23 -17.89
CA ILE A 255 3.27 30.77 -16.61
C ILE A 255 4.74 31.17 -16.49
N ASN A 256 5.52 30.95 -17.56
CA ASN A 256 6.94 31.31 -17.51
C ASN A 256 7.12 32.81 -17.34
N GLU A 257 6.30 33.61 -18.02
CA GLU A 257 6.40 35.06 -17.90
C GLU A 257 5.95 35.59 -16.55
N ASN A 258 5.33 34.74 -15.72
CA ASN A 258 4.86 35.14 -14.39
C ASN A 258 5.55 34.34 -13.29
N VAL A 259 6.75 33.80 -13.55
CA VAL A 259 7.37 32.89 -12.60
C VAL A 259 7.67 33.60 -11.28
N ASP A 260 8.11 34.86 -11.34
CA ASP A 260 8.37 35.60 -10.11
C ASP A 260 7.08 35.81 -9.32
N ALA A 261 5.98 36.12 -10.01
CA ALA A 261 4.70 36.31 -9.34
C ALA A 261 4.17 35.01 -8.78
N LEU A 262 4.41 33.90 -9.48
CA LEU A 262 3.98 32.60 -8.96
C LEU A 262 4.85 32.15 -7.79
N ILE A 263 6.11 32.58 -7.74
CA ILE A 263 6.96 32.22 -6.62
C ILE A 263 6.64 33.09 -5.40
N SER A 264 6.45 34.39 -5.60
CA SER A 264 6.28 35.32 -4.48
C SER A 264 4.84 35.80 -4.41
N PRO A 265 4.08 35.39 -3.39
CA PRO A 265 2.71 35.93 -3.25
C PRO A 265 2.66 37.43 -3.14
N GLU A 266 3.67 38.06 -2.51
CA GLU A 266 3.68 39.51 -2.41
C GLU A 266 3.77 40.15 -3.80
N LEU A 267 4.59 39.60 -4.68
CA LEU A 267 4.67 40.14 -6.04
C LEU A 267 3.41 39.84 -6.84
N PHE A 268 2.76 38.71 -6.57
CA PHE A 268 1.51 38.40 -7.26
C PHE A 268 0.45 39.46 -6.94
N MET A 269 0.33 39.84 -5.67
CA MET A 269 -0.66 40.84 -5.29
C MET A 269 -0.32 42.22 -5.81
N LYS A 270 0.98 42.57 -5.79
CA LYS A 270 1.37 43.86 -6.35
C LYS A 270 1.05 43.93 -7.84
N LYS A 271 1.12 42.80 -8.55
CA LYS A 271 0.79 42.79 -9.97
C LYS A 271 -0.72 42.71 -10.20
N TYR A 272 -1.38 41.72 -9.60
CA TYR A 272 -2.77 41.41 -9.92
C TYR A 272 -3.77 41.94 -8.89
N GLY A 273 -3.31 42.38 -7.71
CA GLY A 273 -4.23 42.75 -6.66
C GLY A 273 -4.87 44.10 -6.87
N SER A 274 -6.02 44.28 -6.22
CA SER A 274 -6.78 45.52 -6.30
C SER A 274 -5.99 46.70 -5.75
N GLY B 1 -2.37 -30.21 5.50
CA GLY B 1 -2.68 -30.17 4.08
C GLY B 1 -3.50 -28.96 3.68
N MET B 2 -2.85 -27.79 3.67
CA MET B 2 -3.53 -26.56 3.29
C MET B 2 -3.53 -26.40 1.77
N LYS B 3 -4.57 -25.74 1.27
CA LYS B 3 -4.77 -25.57 -0.16
C LYS B 3 -4.94 -24.10 -0.49
N THR B 4 -4.47 -23.72 -1.68
CA THR B 4 -4.68 -22.37 -2.16
C THR B 4 -6.16 -22.12 -2.43
N ARG B 5 -6.52 -20.83 -2.47
CA ARG B 5 -7.89 -20.46 -2.82
C ARG B 5 -8.29 -21.05 -4.16
N LEU B 6 -7.41 -20.97 -5.16
CA LEU B 6 -7.72 -21.52 -6.48
C LEU B 6 -7.93 -23.03 -6.42
N GLU B 7 -7.10 -23.73 -5.66
CA GLU B 7 -7.25 -25.19 -5.56
C GLU B 7 -8.61 -25.55 -4.97
N GLN B 8 -9.05 -24.82 -3.94
CA GLN B 8 -10.36 -25.08 -3.36
C GLN B 8 -11.47 -24.82 -4.37
N VAL B 9 -11.33 -23.78 -5.19
CA VAL B 9 -12.35 -23.48 -6.18
C VAL B 9 -12.36 -24.53 -7.28
N LEU B 10 -11.19 -24.93 -7.76
CA LEU B 10 -11.11 -25.93 -8.82
C LEU B 10 -11.66 -27.27 -8.35
N GLU B 11 -11.32 -27.68 -7.12
CA GLU B 11 -11.85 -28.92 -6.59
C GLU B 11 -13.37 -28.93 -6.55
N ARG B 12 -13.98 -27.76 -6.38
CA ARG B 12 -15.42 -27.64 -6.23
C ARG B 12 -16.16 -27.45 -7.55
N TYR B 13 -15.56 -26.70 -8.49
CA TYR B 13 -16.28 -26.23 -9.66
C TYR B 13 -15.73 -26.69 -11.00
N LEU B 14 -14.45 -27.09 -11.08
CA LEU B 14 -13.82 -27.34 -12.38
C LEU B 14 -14.62 -28.35 -13.20
N ASN B 15 -15.00 -29.47 -12.59
CA ASN B 15 -15.88 -30.47 -13.19
C ASN B 15 -15.36 -30.94 -14.56
N GLY B 16 -14.13 -31.44 -14.54
CA GLY B 16 -13.53 -32.03 -15.72
C GLY B 16 -13.21 -31.06 -16.84
N ARG B 17 -13.47 -29.77 -16.67
CA ARG B 17 -13.15 -28.79 -17.70
C ARG B 17 -11.64 -28.55 -17.77
N GLU B 18 -11.21 -27.89 -18.83
CA GLU B 18 -9.81 -27.50 -19.01
C GLU B 18 -9.61 -26.06 -18.55
N VAL B 19 -8.53 -25.82 -17.83
CA VAL B 19 -8.21 -24.48 -17.34
C VAL B 19 -7.61 -23.68 -18.49
N ALA B 20 -8.13 -22.47 -18.68
CA ALA B 20 -7.58 -21.55 -19.69
C ALA B 20 -6.95 -20.38 -18.94
N VAL B 21 -5.63 -20.26 -19.06
CA VAL B 21 -4.89 -19.23 -18.34
C VAL B 21 -4.99 -17.91 -19.11
N TRP B 22 -5.49 -16.88 -18.45
CA TRP B 22 -5.64 -15.54 -19.01
C TRP B 22 -4.61 -14.63 -18.35
N GLY B 23 -3.47 -14.48 -19.00
CA GLY B 23 -2.39 -13.64 -18.51
C GLY B 23 -1.07 -14.39 -18.47
N VAL B 24 -0.01 -13.60 -18.28
CA VAL B 24 1.33 -14.18 -18.18
C VAL B 24 1.39 -15.09 -16.97
N PRO B 25 1.81 -16.35 -17.11
CA PRO B 25 1.84 -17.25 -15.96
C PRO B 25 3.05 -17.00 -15.06
N THR B 26 2.90 -17.43 -13.81
CA THR B 26 3.96 -17.33 -12.81
C THR B 26 4.39 -18.72 -12.37
N ARG B 27 5.50 -18.78 -11.65
CA ARG B 27 5.95 -20.05 -11.08
C ARG B 27 4.90 -20.62 -10.13
N ARG B 28 4.30 -19.78 -9.28
CA ARG B 28 3.31 -20.26 -8.32
C ARG B 28 2.06 -20.78 -9.02
N LEU B 29 1.63 -20.09 -10.08
CA LEU B 29 0.45 -20.54 -10.83
C LEU B 29 0.72 -21.90 -11.48
N LEU B 30 1.88 -22.06 -12.10
CA LEU B 30 2.18 -23.31 -12.80
C LEU B 30 2.21 -24.48 -11.83
N ARG B 31 2.72 -24.26 -10.61
CA ARG B 31 2.71 -25.33 -9.62
C ARG B 31 1.29 -25.65 -9.17
N ALA B 32 0.45 -24.64 -8.97
CA ALA B 32 -0.92 -24.89 -8.54
C ALA B 32 -1.75 -25.53 -9.65
N LEU B 33 -1.45 -25.25 -10.91
CA LEU B 33 -2.23 -25.75 -12.03
C LEU B 33 -1.75 -27.11 -12.53
N LYS B 34 -0.59 -27.58 -12.09
CA LYS B 34 -0.03 -28.78 -12.67
C LYS B 34 -0.87 -30.05 -12.46
N PRO B 35 -1.66 -30.23 -11.39
CA PRO B 35 -2.53 -31.42 -11.33
C PRO B 35 -3.62 -31.43 -12.38
N PHE B 36 -3.85 -30.31 -13.08
CA PHE B 36 -4.95 -30.17 -14.00
C PHE B 36 -4.44 -29.95 -15.42
N LYS B 37 -5.31 -30.26 -16.39
CA LYS B 37 -5.07 -29.92 -17.78
C LYS B 37 -5.33 -28.42 -17.97
N PHE B 38 -4.33 -27.69 -18.45
CA PHE B 38 -4.46 -26.26 -18.63
C PHE B 38 -3.76 -25.84 -19.91
N HIS B 39 -4.30 -24.80 -20.54
CA HIS B 39 -3.74 -24.23 -21.75
C HIS B 39 -3.85 -22.72 -21.68
N THR B 40 -3.00 -22.04 -22.46
CA THR B 40 -3.14 -20.61 -22.63
C THR B 40 -4.52 -20.29 -23.21
N ALA B 41 -5.14 -19.21 -22.72
CA ALA B 41 -6.46 -18.87 -23.18
C ALA B 41 -6.41 -18.23 -24.57
N ASP B 42 -7.23 -18.74 -25.48
CA ASP B 42 -7.42 -18.15 -26.80
C ASP B 42 -8.91 -17.94 -27.02
N ARG B 43 -9.60 -18.93 -27.56
CA ARG B 43 -11.06 -18.95 -27.62
C ARG B 43 -11.57 -19.86 -26.52
N VAL B 44 -12.53 -19.38 -25.74
CA VAL B 44 -12.99 -20.08 -24.55
C VAL B 44 -14.51 -20.12 -24.50
N ASP B 45 -15.03 -21.16 -23.86
CA ASP B 45 -16.45 -21.46 -23.71
C ASP B 45 -16.65 -21.98 -22.29
N PRO B 46 -17.53 -21.36 -21.49
CA PRO B 46 -17.67 -21.80 -20.10
C PRO B 46 -18.17 -23.23 -19.97
N GLN B 47 -18.89 -23.72 -20.98
CA GLN B 47 -19.22 -25.14 -21.07
C GLN B 47 -17.98 -26.00 -20.96
N TYR B 48 -16.85 -25.50 -21.45
CA TYR B 48 -15.65 -26.29 -21.75
C TYR B 48 -14.40 -25.82 -21.01
N HIS B 49 -14.30 -24.53 -20.71
CA HIS B 49 -13.09 -23.98 -20.13
C HIS B 49 -13.39 -23.31 -18.80
N TYR B 50 -12.40 -23.36 -17.90
CA TYR B 50 -12.38 -22.55 -16.69
C TYR B 50 -11.26 -21.54 -16.83
N VAL B 51 -11.61 -20.26 -16.83
CA VAL B 51 -10.66 -19.19 -17.06
C VAL B 51 -10.02 -18.80 -15.73
N VAL B 52 -8.70 -18.88 -15.66
CA VAL B 52 -7.95 -18.40 -14.50
C VAL B 52 -7.17 -17.17 -14.93
N ALA B 53 -7.63 -16.00 -14.51
CA ALA B 53 -6.84 -14.79 -14.68
C ALA B 53 -5.73 -14.78 -13.64
N VAL B 54 -4.51 -14.45 -14.07
CA VAL B 54 -3.39 -14.49 -13.15
C VAL B 54 -3.48 -13.36 -12.14
N THR B 55 -3.50 -12.12 -12.62
CA THR B 55 -3.55 -10.95 -11.77
C THR B 55 -4.93 -10.30 -11.85
N ASP B 56 -5.16 -9.33 -10.97
CA ASP B 56 -6.39 -8.55 -11.02
C ASP B 56 -6.49 -7.76 -12.32
N ASP B 57 -5.35 -7.31 -12.86
CA ASP B 57 -5.36 -6.64 -14.16
C ASP B 57 -5.75 -7.59 -15.27
N ASP B 58 -5.30 -8.85 -15.20
CA ASP B 58 -5.75 -9.85 -16.16
C ASP B 58 -7.26 -10.04 -16.10
N LEU B 59 -7.83 -10.07 -14.89
CA LEU B 59 -9.27 -10.24 -14.75
C LEU B 59 -10.02 -9.06 -15.36
N THR B 60 -9.52 -7.84 -15.14
CA THR B 60 -10.14 -6.67 -15.76
C THR B 60 -10.18 -6.81 -17.28
N ASP B 61 -9.07 -7.25 -17.88
CA ASP B 61 -9.04 -7.45 -19.33
C ASP B 61 -10.01 -8.55 -19.75
N PHE B 62 -10.06 -9.65 -19.01
CA PHE B 62 -10.96 -10.75 -19.37
C PHE B 62 -12.41 -10.30 -19.30
N LEU B 63 -12.80 -9.62 -18.22
CA LEU B 63 -14.18 -9.21 -18.06
C LEU B 63 -14.58 -8.12 -19.03
N SER B 64 -13.62 -7.41 -19.62
CA SER B 64 -13.94 -6.46 -20.68
C SER B 64 -14.02 -7.13 -22.05
N ASP B 65 -13.69 -8.42 -22.14
CA ASP B 65 -13.69 -9.16 -23.39
C ASP B 65 -15.05 -9.80 -23.63
N GLU B 66 -15.46 -9.88 -24.89
CA GLU B 66 -16.74 -10.47 -25.24
C GLU B 66 -16.87 -11.90 -24.73
N GLN B 67 -15.76 -12.64 -24.69
CA GLN B 67 -15.81 -14.06 -24.33
C GLN B 67 -16.23 -14.30 -22.88
N SER B 68 -16.21 -13.28 -22.03
CA SER B 68 -16.44 -13.46 -20.60
C SER B 68 -17.90 -13.36 -20.20
N LYS B 69 -18.77 -12.82 -21.05
CA LYS B 69 -20.12 -12.48 -20.59
C LYS B 69 -20.96 -13.71 -20.27
N SER B 70 -20.61 -14.88 -20.77
CA SER B 70 -21.28 -16.12 -20.38
C SER B 70 -20.58 -16.81 -19.21
N PHE B 71 -19.55 -16.21 -18.64
CA PHE B 71 -18.80 -16.80 -17.53
C PHE B 71 -19.31 -16.25 -16.21
N GLN B 72 -19.47 -17.15 -15.24
CA GLN B 72 -19.95 -16.79 -13.91
C GLN B 72 -18.80 -16.77 -12.92
N TYR B 73 -18.81 -15.79 -12.02
CA TYR B 73 -17.75 -15.66 -11.02
C TYR B 73 -17.64 -16.91 -10.18
N ALA B 74 -16.40 -17.35 -9.96
CA ALA B 74 -16.04 -18.52 -9.15
C ALA B 74 -16.45 -19.82 -9.83
N ASN B 75 -17.70 -19.91 -10.29
CA ASN B 75 -18.17 -21.12 -10.95
C ASN B 75 -17.38 -21.38 -12.23
N ASP B 76 -17.05 -20.32 -12.98
CA ASP B 76 -16.40 -20.45 -14.27
C ASP B 76 -15.08 -19.70 -14.40
N TYR B 77 -14.79 -18.75 -13.52
CA TYR B 77 -13.53 -18.04 -13.60
C TYR B 77 -13.10 -17.60 -12.21
N LEU B 78 -11.82 -17.30 -12.07
CA LEU B 78 -11.25 -16.86 -10.81
C LEU B 78 -9.93 -16.17 -11.12
N THR B 79 -9.48 -15.35 -10.16
CA THR B 79 -8.17 -14.72 -10.22
C THR B 79 -7.23 -15.46 -9.28
N PHE B 80 -6.04 -15.81 -9.79
CA PHE B 80 -5.09 -16.55 -8.96
C PHE B 80 -4.50 -15.66 -7.86
N ASP B 81 -4.10 -14.44 -8.21
CA ASP B 81 -3.49 -13.51 -7.25
C ASP B 81 -4.58 -12.77 -6.47
N ASP B 82 -5.40 -13.52 -5.76
CA ASP B 82 -6.54 -12.95 -5.06
C ASP B 82 -6.91 -13.82 -3.87
N GLU B 83 -5.92 -14.15 -3.04
CA GLU B 83 -6.14 -15.08 -1.93
C GLU B 83 -7.13 -14.52 -0.91
N GLY B 84 -7.26 -13.21 -0.84
CA GLY B 84 -8.23 -12.58 0.04
C GLY B 84 -9.59 -12.32 -0.58
N GLY B 85 -9.79 -12.70 -1.84
CA GLY B 85 -11.05 -12.39 -2.50
C GLY B 85 -12.19 -13.26 -2.00
N GLU B 86 -13.40 -12.70 -2.07
CA GLU B 86 -14.59 -13.41 -1.59
C GLU B 86 -14.86 -14.66 -2.42
N LEU B 87 -15.46 -15.64 -1.76
CA LEU B 87 -15.99 -16.83 -2.39
C LEU B 87 -17.42 -17.05 -1.92
N PRO B 88 -18.29 -17.60 -2.77
CA PRO B 88 -19.68 -17.84 -2.36
C PRO B 88 -19.85 -18.98 -1.37
N PHE B 89 -18.77 -19.67 -1.00
CA PHE B 89 -18.83 -20.78 -0.06
C PHE B 89 -17.73 -20.61 0.98
N GLU B 90 -17.91 -21.28 2.12
CA GLU B 90 -16.94 -21.22 3.20
C GLU B 90 -15.60 -21.80 2.75
N ARG B 91 -14.54 -21.01 2.91
CA ARG B 91 -13.23 -21.37 2.40
C ARG B 91 -12.20 -21.34 3.53
N MET B 92 -10.99 -21.75 3.18
CA MET B 92 -9.83 -21.67 4.06
C MET B 92 -8.79 -20.75 3.45
N CYS B 93 -8.26 -19.85 4.26
CA CYS B 93 -7.11 -19.02 3.87
C CYS B 93 -5.97 -19.48 4.77
N PHE B 94 -5.05 -20.27 4.22
CA PHE B 94 -4.09 -21.05 4.99
C PHE B 94 -4.90 -21.95 5.91
N ASN B 95 -4.78 -21.82 7.23
CA ASN B 95 -5.52 -22.69 8.15
C ASN B 95 -6.69 -21.94 8.82
N VAL B 96 -7.20 -20.90 8.19
CA VAL B 96 -8.18 -20.01 8.79
C VAL B 96 -9.49 -20.14 8.02
N PRO B 97 -10.58 -20.56 8.66
CA PRO B 97 -11.88 -20.56 7.98
C PRO B 97 -12.38 -19.14 7.73
N VAL B 98 -12.91 -18.93 6.53
CA VAL B 98 -13.41 -17.62 6.11
C VAL B 98 -14.82 -17.79 5.57
N GLY B 99 -15.75 -16.96 6.06
CA GLY B 99 -17.14 -17.10 5.72
C GLY B 99 -17.47 -16.67 4.30
N ARG B 100 -18.72 -16.91 3.92
CA ARG B 100 -19.19 -16.55 2.58
C ARG B 100 -19.19 -15.04 2.39
N GLN B 101 -18.86 -14.61 1.17
CA GLN B 101 -18.91 -13.20 0.78
C GLN B 101 -18.06 -12.34 1.72
N THR B 102 -16.92 -12.87 2.15
CA THR B 102 -15.99 -12.17 3.02
C THR B 102 -14.67 -11.97 2.28
N TYR B 103 -14.16 -10.74 2.29
CA TYR B 103 -12.95 -10.41 1.54
C TYR B 103 -12.00 -9.59 2.40
N PHE B 104 -10.73 -9.62 2.03
CA PHE B 104 -9.69 -8.85 2.69
C PHE B 104 -8.47 -8.80 1.77
N GLY B 105 -7.46 -8.02 2.20
CA GLY B 105 -6.29 -7.76 1.41
C GLY B 105 -5.10 -8.63 1.80
N ASP B 106 -3.97 -8.35 1.15
CA ASP B 106 -2.78 -9.19 1.32
C ASP B 106 -2.24 -9.14 2.74
N GLY B 107 -2.40 -8.00 3.42
CA GLY B 107 -1.96 -7.93 4.80
C GLY B 107 -2.67 -8.92 5.70
N VAL B 108 -3.97 -9.08 5.51
CA VAL B 108 -4.73 -10.01 6.33
C VAL B 108 -4.50 -11.45 5.87
N VAL B 109 -4.27 -11.65 4.57
CA VAL B 109 -3.79 -12.96 4.10
C VAL B 109 -2.53 -13.35 4.86
N GLY B 110 -1.59 -12.41 4.99
CA GLY B 110 -0.37 -12.68 5.74
CA GLY B 110 -0.37 -12.68 5.74
C GLY B 110 -0.62 -12.91 7.21
N ALA B 111 -1.65 -12.25 7.77
CA ALA B 111 -1.98 -12.48 9.18
C ALA B 111 -2.53 -13.89 9.39
N CYS B 112 -3.32 -14.39 8.43
CA CYS B 112 -3.78 -15.77 8.48
C CYS B 112 -2.59 -16.73 8.44
N GLU B 113 -1.63 -16.45 7.55
CA GLU B 113 -0.46 -17.31 7.40
C GLU B 113 0.38 -17.32 8.66
N ASN B 114 0.47 -16.17 9.34
CA ASN B 114 1.27 -16.05 10.54
C ASN B 114 0.63 -16.68 11.78
N GLY B 115 -0.62 -17.13 11.68
CA GLY B 115 -1.31 -17.68 12.83
C GLY B 115 -1.98 -16.68 13.73
N TYR B 116 -2.18 -15.45 13.26
CA TYR B 116 -2.75 -14.40 14.10
C TYR B 116 -4.27 -14.44 14.17
N ILE B 117 -4.93 -15.13 13.23
CA ILE B 117 -6.37 -15.09 13.09
C ILE B 117 -6.92 -16.50 13.25
N LYS B 118 -7.92 -16.66 14.12
CA LYS B 118 -8.56 -17.95 14.28
C LYS B 118 -9.59 -18.19 13.19
N SER B 119 -10.41 -17.18 12.91
CA SER B 119 -11.52 -17.31 11.98
C SER B 119 -11.98 -15.92 11.56
N ILE B 120 -12.63 -15.85 10.41
CA ILE B 120 -13.28 -14.64 9.92
C ILE B 120 -14.69 -15.01 9.50
N GLY B 121 -15.68 -14.24 9.95
CA GLY B 121 -17.06 -14.61 9.81
C GLY B 121 -17.60 -14.42 8.39
N GLN B 122 -18.93 -14.48 8.32
CA GLN B 122 -19.64 -14.38 7.06
C GLN B 122 -19.98 -12.93 6.74
N PHE B 123 -19.97 -12.60 5.44
CA PHE B 123 -20.38 -11.28 4.96
C PHE B 123 -19.57 -10.17 5.62
N THR B 124 -18.28 -10.41 5.82
CA THR B 124 -17.39 -9.45 6.46
C THR B 124 -16.58 -8.74 5.38
N SER B 125 -16.49 -7.41 5.49
CA SER B 125 -15.88 -6.57 4.47
C SER B 125 -14.65 -5.89 5.06
N ILE B 126 -13.47 -6.24 4.55
CA ILE B 126 -12.21 -5.75 5.10
C ILE B 126 -11.43 -5.08 3.97
N ASN B 127 -11.20 -3.78 4.10
CA ASN B 127 -10.49 -3.03 3.07
C ASN B 127 -9.10 -3.61 2.84
N GLY B 128 -8.63 -3.51 1.59
CA GLY B 128 -7.39 -4.14 1.20
C GLY B 128 -6.15 -3.61 1.89
N THR B 129 -6.22 -2.41 2.47
CA THR B 129 -5.08 -1.82 3.16
C THR B 129 -5.15 -2.01 4.67
N ALA B 130 -6.15 -2.75 5.16
CA ALA B 130 -6.18 -3.11 6.57
C ALA B 130 -4.99 -4.00 6.91
N GLU B 131 -4.47 -3.84 8.13
CA GLU B 131 -3.26 -4.54 8.53
C GLU B 131 -3.40 -5.09 9.93
N ILE B 132 -2.87 -6.29 10.14
CA ILE B 132 -2.90 -6.96 11.43
C ILE B 132 -1.49 -7.42 11.73
N HIS B 133 -0.89 -6.89 12.80
CA HIS B 133 0.46 -7.25 13.22
C HIS B 133 0.50 -7.34 14.74
N ALA B 134 1.43 -8.15 15.23
CA ALA B 134 1.68 -8.25 16.67
C ALA B 134 2.86 -7.37 17.06
N ASN B 135 3.03 -7.20 18.37
CA ASN B 135 4.14 -6.42 18.88
C ASN B 135 5.40 -7.27 18.99
N HIS B 136 6.55 -6.62 18.82
CA HIS B 136 7.79 -7.21 19.29
C HIS B 136 7.81 -7.20 20.81
N GLN B 137 8.76 -7.93 21.40
CA GLN B 137 8.91 -7.88 22.84
C GLN B 137 9.25 -6.47 23.29
N LEU B 138 8.64 -6.05 24.39
CA LEU B 138 8.84 -4.70 24.92
C LEU B 138 9.48 -4.71 26.30
N ASN B 139 9.89 -5.88 26.80
CA ASN B 139 10.47 -6.02 28.13
C ASN B 139 11.93 -6.44 28.08
N MET B 140 12.58 -6.34 26.92
CA MET B 140 13.99 -6.66 26.80
C MET B 140 14.78 -5.39 26.48
N THR B 141 16.11 -5.53 26.46
CA THR B 141 16.95 -4.39 26.15
C THR B 141 16.78 -3.97 24.70
N PHE B 142 16.46 -4.92 23.82
CA PHE B 142 16.27 -4.67 22.41
C PHE B 142 14.81 -4.88 22.02
N VAL B 143 14.41 -4.21 20.95
CA VAL B 143 13.10 -4.42 20.34
C VAL B 143 13.19 -5.15 19.01
N SER B 144 14.39 -5.28 18.46
CA SER B 144 14.57 -5.98 17.19
C SER B 144 14.12 -7.44 17.29
N ASP B 145 13.61 -7.96 16.18
CA ASP B 145 13.40 -9.40 16.07
C ASP B 145 14.51 -10.09 15.29
N ASP B 146 15.03 -9.46 14.24
CA ASP B 146 16.02 -10.12 13.40
C ASP B 146 17.38 -10.27 14.08
N ILE B 147 17.58 -9.68 15.26
CA ILE B 147 18.78 -9.98 16.03
C ILE B 147 18.86 -11.47 16.33
N GLN B 148 17.71 -12.15 16.44
CA GLN B 148 17.71 -13.57 16.73
C GLN B 148 18.35 -14.39 15.61
N ASN B 149 18.51 -13.82 14.42
CA ASN B 149 19.25 -14.50 13.36
C ASN B 149 20.71 -14.71 13.73
N PHE B 150 21.23 -13.94 14.69
CA PHE B 150 22.59 -14.13 15.18
C PHE B 150 22.66 -15.00 16.43
N PHE B 151 21.52 -15.40 16.99
CA PHE B 151 21.52 -16.21 18.20
C PHE B 151 21.90 -17.64 17.87
N ASN B 152 22.85 -18.19 18.63
CA ASN B 152 23.10 -19.61 18.55
C ASN B 152 21.99 -20.37 19.28
N GLU B 153 22.13 -21.69 19.35
CA GLU B 153 21.08 -22.51 19.95
C GLU B 153 20.78 -22.08 21.39
N GLU B 154 21.82 -21.80 22.17
CA GLU B 154 21.61 -21.49 23.59
C GLU B 154 20.94 -20.14 23.77
N SER B 155 21.40 -19.12 23.05
CA SER B 155 20.80 -17.80 23.15
C SER B 155 19.35 -17.81 22.67
N MET B 156 19.05 -18.61 21.65
CA MET B 156 17.68 -18.68 21.14
C MET B 156 16.75 -19.33 22.16
N ALA B 157 17.23 -20.36 22.86
CA ALA B 157 16.41 -21.00 23.89
C ALA B 157 16.07 -20.01 25.01
N VAL B 158 17.05 -19.23 25.45
CA VAL B 158 16.79 -18.22 26.48
C VAL B 158 15.83 -17.16 25.96
N PHE B 159 16.03 -16.72 24.71
CA PHE B 159 15.15 -15.71 24.12
C PHE B 159 13.72 -16.23 24.01
N GLN B 160 13.56 -17.43 23.46
CA GLN B 160 12.21 -17.97 23.26
C GLN B 160 11.51 -18.22 24.59
N GLU B 161 12.25 -18.66 25.61
CA GLU B 161 11.64 -18.98 26.89
C GLU B 161 11.03 -17.74 27.54
N LYS B 162 11.72 -16.60 27.45
CA LYS B 162 11.16 -15.38 28.03
C LYS B 162 9.97 -14.88 27.23
N LEU B 163 10.01 -15.04 25.90
CA LEU B 163 8.88 -14.64 25.08
C LEU B 163 7.61 -15.39 25.48
N ARG B 164 7.72 -16.69 25.71
CA ARG B 164 6.54 -17.50 25.99
C ARG B 164 5.90 -17.15 27.34
N LYS B 165 6.68 -16.64 28.28
CA LYS B 165 6.17 -16.24 29.59
C LYS B 165 5.82 -14.76 29.67
N ASP B 166 5.95 -14.03 28.58
CA ASP B 166 5.61 -12.60 28.57
C ASP B 166 4.10 -12.44 28.52
N PRO B 167 3.46 -11.85 29.55
CA PRO B 167 2.00 -11.71 29.54
C PRO B 167 1.48 -10.68 28.54
N LYS B 168 2.35 -9.93 27.87
CA LYS B 168 1.90 -8.98 26.87
C LYS B 168 1.86 -9.59 25.47
N HIS B 169 2.16 -10.88 25.35
CA HIS B 169 2.02 -11.66 24.12
C HIS B 169 2.79 -11.08 22.94
N PRO B 170 4.12 -10.94 23.03
CA PRO B 170 4.87 -10.52 21.85
C PRO B 170 4.79 -11.59 20.76
N TYR B 171 4.66 -11.13 19.51
CA TYR B 171 4.48 -12.02 18.36
C TYR B 171 3.28 -12.94 18.54
N ALA B 172 2.28 -12.47 19.29
CA ALA B 172 1.06 -13.21 19.60
C ALA B 172 1.33 -14.50 20.38
N TYR B 173 2.46 -14.57 21.08
CA TYR B 173 2.76 -15.72 21.92
C TYR B 173 1.78 -15.82 23.08
N SER B 174 1.52 -17.05 23.51
CA SER B 174 0.76 -17.34 24.73
C SER B 174 -0.62 -16.67 24.74
N LYS B 175 -1.27 -16.66 23.57
CA LYS B 175 -2.62 -16.11 23.47
C LYS B 175 -3.33 -16.78 22.31
N GLU B 176 -4.67 -16.67 22.31
CA GLU B 176 -5.46 -17.22 21.23
C GLU B 176 -5.40 -16.32 20.00
N PRO B 177 -5.42 -16.90 18.79
CA PRO B 177 -5.63 -16.09 17.59
C PRO B 177 -6.99 -15.41 17.67
N MET B 178 -7.09 -14.27 16.99
CA MET B 178 -8.29 -13.45 17.12
C MET B 178 -9.42 -13.97 16.24
N THR B 179 -10.64 -13.90 16.76
CA THR B 179 -11.84 -14.26 16.03
C THR B 179 -12.48 -12.98 15.50
N ILE B 180 -12.61 -12.88 14.19
CA ILE B 180 -13.29 -11.76 13.55
C ILE B 180 -14.68 -12.23 13.14
N GLY B 181 -15.71 -11.50 13.61
CA GLY B 181 -17.08 -11.95 13.47
C GLY B 181 -17.66 -11.69 12.09
N SER B 182 -18.96 -11.94 11.99
CA SER B 182 -19.71 -11.76 10.76
C SER B 182 -20.29 -10.35 10.68
N ASP B 183 -20.61 -9.93 9.45
CA ASP B 183 -21.17 -8.60 9.17
C ASP B 183 -20.27 -7.49 9.73
N VAL B 184 -18.96 -7.71 9.65
CA VAL B 184 -17.98 -6.75 10.16
C VAL B 184 -17.50 -5.88 9.01
N TYR B 185 -17.22 -4.62 9.31
CA TYR B 185 -16.63 -3.68 8.36
C TYR B 185 -15.33 -3.14 8.95
N ILE B 186 -14.26 -3.19 8.17
CA ILE B 186 -12.97 -2.65 8.57
C ILE B 186 -12.48 -1.72 7.46
N GLY B 187 -12.31 -0.44 7.79
CA GLY B 187 -12.00 0.57 6.80
C GLY B 187 -10.54 0.60 6.39
N ALA B 188 -10.25 1.52 5.47
CA ALA B 188 -8.93 1.61 4.87
C ALA B 188 -7.87 1.98 5.90
N HIS B 189 -6.72 1.31 5.81
CA HIS B 189 -5.55 1.58 6.63
C HIS B 189 -5.82 1.37 8.12
N ALA B 190 -6.82 0.58 8.47
CA ALA B 190 -7.05 0.25 9.86
C ALA B 190 -5.99 -0.74 10.34
N PHE B 191 -5.75 -0.73 11.64
CA PHE B 191 -4.76 -1.60 12.27
C PHE B 191 -5.41 -2.34 13.43
N ILE B 192 -5.13 -3.64 13.53
CA ILE B 192 -5.54 -4.44 14.67
C ILE B 192 -4.29 -5.11 15.24
N ASN B 193 -4.07 -4.95 16.54
CA ASN B 193 -2.87 -5.45 17.19
C ASN B 193 -3.10 -6.90 17.60
N ALA B 194 -2.36 -7.82 16.96
CA ALA B 194 -2.50 -9.24 17.26
C ALA B 194 -1.97 -9.62 18.64
N SER B 195 -1.21 -8.73 19.29
CA SER B 195 -0.76 -9.03 20.65
C SER B 195 -1.85 -8.79 21.68
N THR B 196 -2.72 -7.80 21.45
CA THR B 196 -3.66 -7.37 22.47
C THR B 196 -5.13 -7.66 22.15
N VAL B 197 -5.43 -8.17 20.95
CA VAL B 197 -6.81 -8.35 20.51
C VAL B 197 -7.04 -9.84 20.25
N THR B 198 -8.16 -10.36 20.79
CA THR B 198 -8.57 -11.73 20.52
C THR B 198 -9.96 -11.85 19.90
N SER B 199 -10.71 -10.75 19.77
CA SER B 199 -12.07 -10.86 19.23
C SER B 199 -12.51 -9.53 18.64
N ILE B 200 -13.01 -9.57 17.42
CA ILE B 200 -13.75 -8.47 16.81
C ILE B 200 -15.18 -8.96 16.63
N GLY B 201 -16.10 -8.39 17.41
CA GLY B 201 -17.44 -8.94 17.50
C GLY B 201 -18.25 -8.76 16.22
N ASP B 202 -19.32 -9.54 16.13
CA ASP B 202 -20.22 -9.46 14.98
C ASP B 202 -20.76 -8.05 14.82
N GLY B 203 -20.89 -7.62 13.57
CA GLY B 203 -21.44 -6.32 13.28
C GLY B 203 -20.54 -5.14 13.59
N ALA B 204 -19.34 -5.38 14.10
CA ALA B 204 -18.45 -4.26 14.46
C ALA B 204 -18.05 -3.48 13.22
N ILE B 205 -17.94 -2.17 13.37
CA ILE B 205 -17.47 -1.28 12.32
C ILE B 205 -16.19 -0.62 12.82
N ILE B 206 -15.07 -0.97 12.20
CA ILE B 206 -13.78 -0.34 12.48
C ILE B 206 -13.55 0.72 11.41
N GLY B 207 -13.49 1.98 11.83
CA GLY B 207 -13.36 3.07 10.88
C GLY B 207 -12.01 3.08 10.19
N SER B 208 -11.95 3.84 9.10
CA SER B 208 -10.70 3.96 8.36
C SER B 208 -9.65 4.64 9.22
N GLY B 209 -8.44 4.07 9.21
CA GLY B 209 -7.34 4.62 9.98
C GLY B 209 -7.35 4.29 11.45
N ALA B 210 -8.33 3.55 11.94
CA ALA B 210 -8.40 3.22 13.36
C ALA B 210 -7.32 2.20 13.72
N VAL B 211 -6.69 2.40 14.86
CA VAL B 211 -5.73 1.42 15.38
C VAL B 211 -6.37 0.77 16.60
N VAL B 212 -6.72 -0.51 16.46
CA VAL B 212 -7.50 -1.22 17.45
C VAL B 212 -6.55 -1.96 18.38
N LEU B 213 -6.53 -1.55 19.65
CA LEU B 213 -5.66 -2.15 20.65
C LEU B 213 -6.42 -3.03 21.63
N GLU B 214 -7.75 -3.07 21.58
CA GLU B 214 -8.56 -3.81 22.52
C GLU B 214 -9.68 -4.52 21.77
N ASN B 215 -10.29 -5.51 22.43
CA ASN B 215 -11.40 -6.23 21.82
C ASN B 215 -12.56 -5.28 21.55
N VAL B 216 -13.20 -5.46 20.40
CA VAL B 216 -14.32 -4.62 19.98
C VAL B 216 -15.61 -5.38 20.24
N PRO B 217 -16.53 -4.86 21.05
CA PRO B 217 -17.78 -5.58 21.33
C PRO B 217 -18.62 -5.71 20.07
N PRO B 218 -19.58 -6.65 20.05
CA PRO B 218 -20.42 -6.81 18.86
C PRO B 218 -21.21 -5.54 18.55
N PHE B 219 -21.20 -5.17 17.27
CA PHE B 219 -21.96 -4.04 16.72
C PHE B 219 -21.49 -2.69 17.25
N ALA B 220 -20.28 -2.62 17.78
CA ALA B 220 -19.70 -1.35 18.19
C ALA B 220 -18.98 -0.70 17.00
N VAL B 221 -19.05 0.62 16.92
CA VAL B 221 -18.33 1.40 15.91
C VAL B 221 -17.15 2.07 16.61
N VAL B 222 -15.94 1.79 16.13
CA VAL B 222 -14.71 2.31 16.73
C VAL B 222 -13.97 3.17 15.73
N VAL B 223 -13.42 4.29 16.21
CA VAL B 223 -12.73 5.26 15.36
C VAL B 223 -11.57 5.87 16.16
N GLY B 224 -10.65 6.50 15.43
CA GLY B 224 -9.56 7.24 16.03
C GLY B 224 -8.32 6.41 16.30
N VAL B 225 -7.25 7.10 16.70
CA VAL B 225 -6.01 6.43 17.11
C VAL B 225 -5.64 6.89 18.52
N PRO B 226 -5.74 6.01 19.53
CA PRO B 226 -6.25 4.64 19.42
C PRO B 226 -7.76 4.59 19.22
N ALA B 227 -8.26 3.46 18.74
CA ALA B 227 -9.69 3.32 18.46
C ALA B 227 -10.49 3.31 19.75
N ARG B 228 -11.54 4.13 19.79
CA ARG B 228 -12.47 4.16 20.90
C ARG B 228 -13.88 3.96 20.39
N ILE B 229 -14.75 3.46 21.26
CA ILE B 229 -16.15 3.23 20.89
C ILE B 229 -16.82 4.59 20.71
N LYS B 230 -17.41 4.79 19.53
CA LYS B 230 -18.14 6.00 19.22
C LYS B 230 -19.63 5.85 19.48
N ARG B 231 -20.20 4.70 19.12
CA ARG B 231 -21.62 4.42 19.25
C ARG B 231 -21.82 2.94 19.02
N TYR B 232 -23.08 2.50 19.12
CA TYR B 232 -23.48 1.15 18.77
C TYR B 232 -24.49 1.20 17.64
N ARG B 233 -24.43 0.21 16.75
CA ARG B 233 -25.30 0.20 15.59
C ARG B 233 -26.77 0.04 15.96
N PHE B 234 -27.06 -0.72 17.01
CA PHE B 234 -28.42 -1.07 17.36
C PHE B 234 -28.62 -1.01 18.87
N SER B 235 -29.87 -1.18 19.28
CA SER B 235 -30.19 -1.27 20.70
C SER B 235 -29.62 -2.55 21.30
N LYS B 236 -29.57 -2.59 22.62
CA LYS B 236 -29.09 -3.79 23.32
C LYS B 236 -29.97 -4.99 23.01
N GLU B 237 -31.29 -4.82 23.13
CA GLU B 237 -32.21 -5.92 22.84
C GLU B 237 -32.06 -6.38 21.39
N MET B 238 -31.80 -5.45 20.47
CA MET B 238 -31.59 -5.82 19.08
C MET B 238 -30.27 -6.54 18.89
N ILE B 239 -29.23 -6.12 19.61
CA ILE B 239 -27.93 -6.78 19.52
C ILE B 239 -28.05 -8.24 19.95
N GLU B 240 -28.72 -8.48 21.08
CA GLU B 240 -28.88 -9.85 21.56
C GLU B 240 -29.80 -10.67 20.67
N THR B 241 -30.81 -10.03 20.07
CA THR B 241 -31.63 -10.72 19.08
C THR B 241 -30.78 -11.15 17.89
N LEU B 242 -29.94 -10.24 17.38
CA LEU B 242 -29.08 -10.57 16.24
C LEU B 242 -28.10 -11.69 16.58
N LEU B 243 -27.49 -11.64 17.76
CA LEU B 243 -26.51 -12.65 18.12
C LEU B 243 -27.14 -14.03 18.28
N ARG B 244 -28.43 -14.08 18.62
CA ARG B 244 -29.12 -15.36 18.74
C ARG B 244 -29.60 -15.86 17.38
N VAL B 245 -30.11 -14.97 16.53
CA VAL B 245 -30.72 -15.39 15.27
C VAL B 245 -29.65 -15.79 14.26
N LYS B 246 -28.56 -15.04 14.19
CA LYS B 246 -27.43 -15.32 13.31
C LYS B 246 -27.88 -15.44 11.85
N TRP B 247 -28.42 -14.33 11.33
CA TRP B 247 -28.82 -14.32 9.92
C TRP B 247 -27.63 -14.57 9.00
N TRP B 248 -26.41 -14.25 9.45
CA TRP B 248 -25.24 -14.44 8.61
C TRP B 248 -24.93 -15.90 8.32
N ASP B 249 -25.60 -16.83 8.99
CA ASP B 249 -25.47 -18.24 8.70
C ASP B 249 -26.69 -18.79 7.97
N TRP B 250 -27.59 -17.92 7.51
CA TRP B 250 -28.76 -18.35 6.76
C TRP B 250 -28.34 -18.89 5.40
N SER B 251 -29.19 -19.77 4.85
CA SER B 251 -29.03 -20.19 3.47
C SER B 251 -29.25 -19.01 2.52
N ILE B 252 -28.82 -19.18 1.27
CA ILE B 252 -29.07 -18.17 0.25
C ILE B 252 -30.57 -17.94 0.07
N GLU B 253 -31.34 -19.02 0.02
CA GLU B 253 -32.79 -18.88 -0.12
C GLU B 253 -33.38 -18.14 1.07
N GLU B 254 -32.96 -18.48 2.29
CA GLU B 254 -33.49 -17.80 3.47
C GLU B 254 -33.16 -16.32 3.46
N ILE B 255 -32.00 -15.94 2.92
CA ILE B 255 -31.63 -14.53 2.83
C ILE B 255 -32.58 -13.78 1.90
N ASN B 256 -32.85 -14.36 0.73
CA ASN B 256 -33.77 -13.72 -0.20
C ASN B 256 -35.19 -13.72 0.33
N GLU B 257 -35.60 -14.81 0.99
CA GLU B 257 -36.95 -14.88 1.55
C GLU B 257 -37.17 -13.79 2.60
N ASN B 258 -36.12 -13.46 3.37
CA ASN B 258 -36.23 -12.52 4.47
C ASN B 258 -35.47 -11.23 4.21
N VAL B 259 -35.36 -10.82 2.94
CA VAL B 259 -34.60 -9.63 2.60
C VAL B 259 -35.26 -8.39 3.21
N ASP B 260 -36.58 -8.40 3.38
CA ASP B 260 -37.25 -7.28 4.02
C ASP B 260 -36.76 -7.09 5.45
N ALA B 261 -36.55 -8.20 6.17
CA ALA B 261 -36.07 -8.09 7.55
C ALA B 261 -34.60 -7.68 7.59
N LEU B 262 -33.83 -8.06 6.57
CA LEU B 262 -32.44 -7.65 6.49
C LEU B 262 -32.30 -6.19 6.10
N ILE B 263 -33.26 -5.69 5.32
CA ILE B 263 -33.24 -4.30 4.90
C ILE B 263 -33.74 -3.38 6.01
N SER B 264 -34.72 -3.83 6.79
CA SER B 264 -35.37 -3.01 7.79
C SER B 264 -35.07 -3.54 9.19
N PRO B 265 -34.25 -2.86 9.98
CA PRO B 265 -34.02 -3.31 11.36
C PRO B 265 -35.29 -3.40 12.19
N GLU B 266 -36.22 -2.47 12.02
CA GLU B 266 -37.46 -2.51 12.79
C GLU B 266 -38.28 -3.74 12.45
N LEU B 267 -38.32 -4.11 11.16
CA LEU B 267 -39.01 -5.34 10.79
C LEU B 267 -38.28 -6.56 11.32
N PHE B 268 -36.95 -6.52 11.35
CA PHE B 268 -36.19 -7.63 11.92
C PHE B 268 -36.57 -7.85 13.38
N MET B 269 -36.69 -6.78 14.17
CA MET B 269 -37.09 -6.92 15.56
C MET B 269 -38.52 -7.43 15.69
N LYS B 270 -39.41 -6.96 14.80
CA LYS B 270 -40.79 -7.40 14.87
C LYS B 270 -40.93 -8.89 14.59
N LYS B 271 -40.09 -9.41 13.69
CA LYS B 271 -40.20 -10.81 13.30
C LYS B 271 -39.47 -11.75 14.27
N TYR B 272 -38.27 -11.35 14.71
CA TYR B 272 -37.41 -12.25 15.47
C TYR B 272 -37.24 -11.86 16.93
N GLY B 273 -37.71 -10.68 17.34
CA GLY B 273 -37.62 -10.29 18.74
C GLY B 273 -38.43 -11.22 19.62
N SER B 274 -37.79 -11.77 20.65
CA SER B 274 -38.47 -12.70 21.55
C SER B 274 -39.20 -11.94 22.65
N MET C 2 23.71 2.55 -9.78
CA MET C 2 23.93 2.10 -8.40
C MET C 2 23.60 0.62 -8.28
N LYS C 3 24.29 -0.08 -7.38
CA LYS C 3 24.18 -1.52 -7.28
C LYS C 3 22.94 -1.93 -6.49
N THR C 4 22.17 -2.85 -7.07
CA THR C 4 21.03 -3.41 -6.34
C THR C 4 21.51 -4.29 -5.20
N ARG C 5 20.56 -4.65 -4.33
CA ARG C 5 20.85 -5.56 -3.23
C ARG C 5 21.35 -6.90 -3.76
N LEU C 6 20.74 -7.40 -4.83
CA LEU C 6 21.12 -8.70 -5.37
C LEU C 6 22.53 -8.68 -5.95
N GLU C 7 22.87 -7.63 -6.71
CA GLU C 7 24.23 -7.54 -7.26
C GLU C 7 25.27 -7.52 -6.14
N GLN C 8 24.99 -6.81 -5.06
CA GLN C 8 25.91 -6.80 -3.92
C GLN C 8 26.08 -8.19 -3.34
N VAL C 9 24.98 -8.94 -3.19
CA VAL C 9 25.07 -10.28 -2.64
C VAL C 9 25.76 -11.22 -3.62
N LEU C 10 25.41 -11.13 -4.91
CA LEU C 10 26.05 -11.97 -5.92
C LEU C 10 27.56 -11.74 -5.95
N GLU C 11 27.99 -10.48 -5.85
CA GLU C 11 29.42 -10.20 -5.80
C GLU C 11 30.08 -10.93 -4.63
N ARG C 12 29.33 -11.14 -3.55
CA ARG C 12 29.89 -11.81 -2.37
C ARG C 12 29.90 -13.32 -2.54
N TYR C 13 28.78 -13.90 -3.00
CA TYR C 13 28.55 -15.33 -2.82
C TYR C 13 28.49 -16.15 -4.10
N LEU C 14 28.42 -15.53 -5.29
CA LEU C 14 28.28 -16.32 -6.51
C LEU C 14 29.43 -17.30 -6.66
N ASN C 15 30.66 -16.81 -6.56
CA ASN C 15 31.86 -17.65 -6.52
CA ASN C 15 31.86 -17.65 -6.52
C ASN C 15 31.92 -18.60 -7.73
N GLY C 16 31.78 -18.02 -8.92
CA GLY C 16 31.92 -18.76 -10.15
C GLY C 16 30.73 -19.60 -10.57
N ARG C 17 29.63 -19.58 -9.81
CA ARG C 17 28.46 -20.35 -10.17
C ARG C 17 27.64 -19.62 -11.23
N GLU C 18 26.64 -20.32 -11.77
CA GLU C 18 25.70 -19.73 -12.69
C GLU C 18 24.44 -19.31 -11.93
N VAL C 19 23.92 -18.13 -12.26
CA VAL C 19 22.66 -17.69 -11.67
C VAL C 19 21.51 -18.47 -12.29
N ALA C 20 20.64 -19.02 -11.45
CA ALA C 20 19.46 -19.73 -11.90
C ALA C 20 18.23 -18.89 -11.58
N VAL C 21 17.59 -18.36 -12.61
CA VAL C 21 16.46 -17.46 -12.45
C VAL C 21 15.19 -18.27 -12.21
N TRP C 22 14.60 -18.09 -11.03
CA TRP C 22 13.38 -18.79 -10.63
C TRP C 22 12.23 -17.77 -10.69
N GLY C 23 11.58 -17.70 -11.85
CA GLY C 23 10.48 -16.79 -12.06
C GLY C 23 10.63 -16.01 -13.35
N VAL C 24 9.56 -15.30 -13.69
CA VAL C 24 9.57 -14.46 -14.89
C VAL C 24 10.59 -13.33 -14.71
N PRO C 25 11.52 -13.16 -15.63
CA PRO C 25 12.51 -12.08 -15.49
C PRO C 25 11.90 -10.72 -15.79
N THR C 26 12.56 -9.68 -15.29
CA THR C 26 12.16 -8.30 -15.52
C THR C 26 13.33 -7.53 -16.14
N ARG C 27 13.02 -6.35 -16.67
CA ARG C 27 14.08 -5.48 -17.20
C ARG C 27 15.08 -5.12 -16.12
N ARG C 28 14.60 -4.81 -14.91
CA ARG C 28 15.52 -4.47 -13.82
C ARG C 28 16.41 -5.64 -13.46
N LEU C 29 15.87 -6.86 -13.52
CA LEU C 29 16.66 -8.05 -13.20
C LEU C 29 17.75 -8.27 -14.23
N LEU C 30 17.39 -8.25 -15.51
CA LEU C 30 18.37 -8.49 -16.56
C LEU C 30 19.47 -7.44 -16.55
N ARG C 31 19.14 -6.19 -16.19
CA ARG C 31 20.17 -5.18 -16.02
C ARG C 31 21.09 -5.51 -14.86
N ALA C 32 20.53 -6.08 -13.79
CA ALA C 32 21.34 -6.42 -12.63
C ALA C 32 22.21 -7.64 -12.87
N LEU C 33 21.81 -8.52 -13.79
CA LEU C 33 22.51 -9.77 -14.04
C LEU C 33 23.53 -9.66 -15.17
N LYS C 34 23.62 -8.52 -15.84
CA LYS C 34 24.52 -8.40 -16.99
C LYS C 34 25.98 -8.76 -16.67
N PRO C 35 26.53 -8.47 -15.48
CA PRO C 35 27.91 -8.91 -15.20
C PRO C 35 28.04 -10.40 -14.92
N PHE C 36 26.97 -11.18 -14.98
CA PHE C 36 27.01 -12.57 -14.57
C PHE C 36 26.39 -13.48 -15.62
N LYS C 37 26.79 -14.74 -15.57
CA LYS C 37 26.16 -15.77 -16.39
C LYS C 37 24.90 -16.27 -15.69
N PHE C 38 23.82 -16.38 -16.45
CA PHE C 38 22.55 -16.79 -15.88
C PHE C 38 21.75 -17.58 -16.91
N HIS C 39 20.80 -18.35 -16.42
CA HIS C 39 19.90 -19.12 -17.25
C HIS C 39 18.62 -19.37 -16.49
N THR C 40 17.56 -19.71 -17.21
CA THR C 40 16.30 -20.08 -16.57
C THR C 40 16.51 -21.30 -15.69
N ALA C 41 15.95 -21.26 -14.49
CA ALA C 41 16.10 -22.37 -13.56
C ALA C 41 15.30 -23.58 -14.02
N ASP C 42 15.83 -24.76 -13.68
CA ASP C 42 15.18 -26.03 -13.96
C ASP C 42 15.55 -27.02 -12.87
N ARG C 43 16.61 -27.80 -13.10
CA ARG C 43 17.25 -28.57 -12.04
C ARG C 43 18.41 -27.75 -11.50
N VAL C 44 18.39 -27.50 -10.19
CA VAL C 44 19.39 -26.64 -9.56
C VAL C 44 20.14 -27.44 -8.50
N ASP C 45 21.45 -27.18 -8.41
CA ASP C 45 22.33 -27.76 -7.40
C ASP C 45 23.16 -26.63 -6.82
N PRO C 46 23.21 -26.47 -5.49
CA PRO C 46 23.92 -25.32 -4.91
C PRO C 46 25.41 -25.32 -5.20
N GLN C 47 25.98 -26.45 -5.61
CA GLN C 47 27.41 -26.48 -5.94
C GLN C 47 27.69 -25.72 -7.24
N TYR C 48 26.71 -25.66 -8.15
CA TYR C 48 26.90 -25.02 -9.44
C TYR C 48 25.94 -23.88 -9.72
N HIS C 49 24.91 -23.69 -8.90
CA HIS C 49 23.87 -22.71 -9.20
C HIS C 49 23.64 -21.80 -8.00
N TYR C 50 23.39 -20.52 -8.28
CA TYR C 50 22.84 -19.57 -7.33
C TYR C 50 21.43 -19.23 -7.81
N VAL C 51 20.44 -19.48 -6.97
CA VAL C 51 19.05 -19.31 -7.35
C VAL C 51 18.60 -17.90 -7.01
N VAL C 52 18.09 -17.18 -8.00
CA VAL C 52 17.52 -15.86 -7.80
C VAL C 52 16.02 -15.96 -8.06
N ALA C 53 15.23 -15.92 -6.99
CA ALA C 53 13.80 -15.76 -7.13
C ALA C 53 13.50 -14.30 -7.46
N VAL C 54 12.63 -14.07 -8.44
CA VAL C 54 12.37 -12.71 -8.89
C VAL C 54 11.49 -11.98 -7.87
N THR C 55 10.30 -12.52 -7.61
CA THR C 55 9.35 -11.94 -6.67
C THR C 55 9.32 -12.74 -5.38
N ASP C 56 8.72 -12.14 -4.35
CA ASP C 56 8.44 -12.89 -3.13
C ASP C 56 7.59 -14.11 -3.42
N ASP C 57 6.67 -13.99 -4.39
CA ASP C 57 5.88 -15.12 -4.84
C ASP C 57 6.77 -16.24 -5.37
N ASP C 58 7.78 -15.89 -6.17
CA ASP C 58 8.68 -16.90 -6.72
C ASP C 58 9.48 -17.59 -5.62
N LEU C 59 9.91 -16.84 -4.60
CA LEU C 59 10.68 -17.45 -3.52
C LEU C 59 9.84 -18.45 -2.74
N THR C 60 8.58 -18.10 -2.44
CA THR C 60 7.68 -19.05 -1.80
C THR C 60 7.61 -20.34 -2.60
N ASP C 61 7.53 -20.23 -3.93
CA ASP C 61 7.49 -21.42 -4.77
C ASP C 61 8.81 -22.19 -4.70
N PHE C 62 9.93 -21.48 -4.70
CA PHE C 62 11.23 -22.15 -4.63
C PHE C 62 11.37 -22.91 -3.31
N LEU C 63 11.12 -22.23 -2.19
CA LEU C 63 11.27 -22.85 -0.88
C LEU C 63 10.23 -23.94 -0.61
N SER C 64 9.22 -24.07 -1.46
CA SER C 64 8.32 -25.21 -1.39
C SER C 64 8.85 -26.40 -2.19
N ASP C 65 9.79 -26.16 -3.10
CA ASP C 65 10.37 -27.22 -3.91
C ASP C 65 11.41 -27.98 -3.11
N GLU C 66 11.49 -29.29 -3.35
CA GLU C 66 12.46 -30.12 -2.65
C GLU C 66 13.90 -29.77 -3.02
N GLN C 67 14.11 -29.15 -4.19
CA GLN C 67 15.44 -28.71 -4.56
C GLN C 67 15.95 -27.59 -3.68
N SER C 68 15.06 -26.86 -3.01
CA SER C 68 15.48 -25.76 -2.15
C SER C 68 16.15 -26.22 -0.87
N LYS C 69 16.06 -27.51 -0.53
CA LYS C 69 16.52 -27.98 0.78
C LYS C 69 18.01 -27.74 0.98
N SER C 70 18.80 -27.83 -0.09
CA SER C 70 20.26 -27.69 0.02
C SER C 70 20.74 -26.25 -0.15
N PHE C 71 19.84 -25.28 -0.30
CA PHE C 71 20.21 -23.90 -0.55
C PHE C 71 20.06 -23.09 0.74
N GLN C 72 21.07 -22.28 1.04
CA GLN C 72 21.06 -21.41 2.21
C GLN C 72 20.77 -19.97 1.79
N TYR C 73 19.98 -19.28 2.62
CA TYR C 73 19.63 -17.89 2.36
C TYR C 73 20.88 -17.04 2.19
N ALA C 74 20.85 -16.16 1.19
CA ALA C 74 21.94 -15.24 0.83
C ALA C 74 23.12 -15.98 0.22
N ASN C 75 23.65 -16.98 0.92
CA ASN C 75 24.82 -17.72 0.41
C ASN C 75 24.52 -18.38 -0.93
N ASP C 76 23.30 -18.89 -1.10
CA ASP C 76 22.94 -19.64 -2.30
C ASP C 76 21.69 -19.14 -3.00
N TYR C 77 20.87 -18.30 -2.37
CA TYR C 77 19.67 -17.81 -3.02
C TYR C 77 19.27 -16.46 -2.45
N LEU C 78 18.46 -15.74 -3.22
CA LEU C 78 17.98 -14.42 -2.84
C LEU C 78 16.77 -14.08 -3.68
N THR C 79 16.03 -13.08 -3.23
CA THR C 79 14.88 -12.55 -3.95
C THR C 79 15.25 -11.19 -4.54
N PHE C 80 15.07 -11.03 -5.85
CA PHE C 80 15.46 -9.78 -6.49
C PHE C 80 14.57 -8.63 -6.05
N ASP C 81 13.25 -8.84 -6.03
CA ASP C 81 12.31 -7.80 -5.60
C ASP C 81 12.22 -7.75 -4.08
N ASP C 82 13.35 -7.65 -3.40
CA ASP C 82 13.39 -7.57 -1.94
C ASP C 82 14.49 -6.60 -1.53
N GLU C 83 14.49 -5.42 -2.16
CA GLU C 83 15.55 -4.45 -1.94
C GLU C 83 15.66 -4.05 -0.48
N GLY C 84 14.57 -4.15 0.27
CA GLY C 84 14.58 -3.85 1.68
C GLY C 84 14.79 -5.04 2.60
N GLY C 85 15.12 -6.21 2.05
CA GLY C 85 15.26 -7.39 2.88
C GLY C 85 16.52 -7.36 3.72
N GLU C 86 16.48 -8.05 4.85
CA GLU C 86 17.60 -8.06 5.77
C GLU C 86 18.77 -8.86 5.20
N LEU C 87 19.97 -8.49 5.64
CA LEU C 87 21.19 -9.25 5.40
C LEU C 87 22.00 -9.22 6.68
N PRO C 88 22.82 -10.25 6.92
CA PRO C 88 23.65 -10.27 8.14
C PRO C 88 24.84 -9.34 8.07
N PHE C 89 25.00 -8.57 7.00
CA PHE C 89 26.09 -7.62 6.86
C PHE C 89 25.54 -6.34 6.27
N GLU C 90 26.33 -5.27 6.39
CA GLU C 90 25.93 -3.97 5.87
C GLU C 90 25.81 -4.02 4.35
N ARG C 91 24.86 -3.25 3.82
CA ARG C 91 24.62 -3.15 2.39
C ARG C 91 24.23 -1.71 2.06
N MET C 92 24.27 -1.39 0.77
CA MET C 92 23.77 -0.12 0.27
C MET C 92 22.38 -0.31 -0.33
N CYS C 93 21.53 0.68 -0.14
CA CYS C 93 20.23 0.78 -0.82
C CYS C 93 20.21 2.15 -1.49
N PHE C 94 20.45 2.17 -2.80
CA PHE C 94 20.59 3.42 -3.56
C PHE C 94 21.63 4.32 -2.91
N ASN C 95 22.78 3.73 -2.57
CA ASN C 95 23.90 4.43 -1.93
C ASN C 95 23.57 4.96 -0.54
N VAL C 96 22.59 4.36 0.13
CA VAL C 96 22.31 4.64 1.53
C VAL C 96 22.79 3.44 2.35
N PRO C 97 23.73 3.63 3.28
CA PRO C 97 24.16 2.51 4.11
C PRO C 97 23.02 1.99 4.97
N VAL C 98 22.90 0.66 5.05
CA VAL C 98 21.86 -0.01 5.82
C VAL C 98 22.53 -1.07 6.68
N GLY C 99 22.32 -0.99 8.00
CA GLY C 99 22.97 -1.90 8.91
C GLY C 99 22.41 -3.31 8.84
N ARG C 100 23.16 -4.23 9.44
CA ARG C 100 22.81 -5.64 9.47
C ARG C 100 21.49 -5.87 10.21
N GLN C 101 20.78 -6.93 9.80
CA GLN C 101 19.52 -7.34 10.42
C GLN C 101 18.49 -6.20 10.45
N THR C 102 18.51 -5.35 9.44
CA THR C 102 17.57 -4.25 9.30
C THR C 102 16.77 -4.43 8.02
N TYR C 103 15.45 -4.27 8.10
CA TYR C 103 14.57 -4.47 6.96
C TYR C 103 13.55 -3.34 6.89
N PHE C 104 13.06 -3.11 5.68
CA PHE C 104 12.06 -2.08 5.43
C PHE C 104 11.36 -2.39 4.10
N GLY C 105 10.37 -1.57 3.76
CA GLY C 105 9.55 -1.79 2.60
C GLY C 105 9.82 -0.83 1.47
N ASP C 106 8.93 -0.86 0.47
CA ASP C 106 9.13 -0.11 -0.76
C ASP C 106 9.10 1.39 -0.53
N GLY C 107 8.29 1.87 0.42
CA GLY C 107 8.28 3.30 0.71
C GLY C 107 9.63 3.81 1.16
N VAL C 108 10.34 3.03 1.98
CA VAL C 108 11.66 3.44 2.45
C VAL C 108 12.70 3.23 1.35
N VAL C 109 12.53 2.20 0.52
CA VAL C 109 13.39 2.05 -0.65
C VAL C 109 13.31 3.29 -1.52
N GLY C 110 12.09 3.75 -1.80
CA GLY C 110 11.92 4.98 -2.56
C GLY C 110 12.51 6.19 -1.86
N ALA C 111 12.34 6.27 -0.54
CA ALA C 111 12.93 7.38 0.22
C ALA C 111 14.45 7.37 0.07
N CYS C 112 15.05 6.19 0.07
CA CYS C 112 16.50 6.09 -0.15
C CYS C 112 16.85 6.59 -1.55
N GLU C 113 16.07 6.18 -2.55
CA GLU C 113 16.30 6.62 -3.92
C GLU C 113 16.12 8.12 -4.07
N ASN C 114 15.19 8.71 -3.32
CA ASN C 114 14.93 10.15 -3.45
C ASN C 114 15.94 11.01 -2.71
N GLY C 115 16.86 10.42 -1.95
CA GLY C 115 17.85 11.19 -1.24
C GLY C 115 17.43 11.69 0.12
N TYR C 116 16.34 11.16 0.68
CA TYR C 116 15.83 11.65 1.96
C TYR C 116 16.52 11.02 3.16
N ILE C 117 17.30 9.96 2.98
CA ILE C 117 17.86 9.19 4.07
C ILE C 117 19.37 9.20 3.96
N LYS C 118 20.05 9.49 5.06
CA LYS C 118 21.50 9.43 5.10
C LYS C 118 21.99 8.01 5.42
N SER C 119 21.37 7.36 6.39
CA SER C 119 21.79 6.02 6.79
C SER C 119 20.69 5.40 7.64
N ILE C 120 20.66 4.07 7.64
CA ILE C 120 19.74 3.30 8.48
C ILE C 120 20.59 2.35 9.32
N GLY C 121 20.30 2.30 10.63
CA GLY C 121 21.13 1.59 11.58
C GLY C 121 20.97 0.09 11.55
N GLN C 122 21.45 -0.57 12.61
CA GLN C 122 21.48 -2.02 12.70
C GLN C 122 20.37 -2.52 13.62
N PHE C 123 19.86 -3.73 13.30
CA PHE C 123 18.79 -4.36 14.07
C PHE C 123 17.56 -3.46 14.13
N THR C 124 17.21 -2.85 13.00
CA THR C 124 16.12 -1.90 12.92
C THR C 124 14.99 -2.50 12.09
N SER C 125 13.76 -2.38 12.59
CA SER C 125 12.60 -3.08 12.05
C SER C 125 11.55 -2.07 11.58
N ILE C 126 11.34 -2.00 10.26
CA ILE C 126 10.45 -1.02 9.66
C ILE C 126 9.37 -1.76 8.89
N ASN C 127 8.11 -1.52 9.25
CA ASN C 127 7.00 -2.18 8.59
C ASN C 127 6.91 -1.77 7.13
N GLY C 128 6.46 -2.71 6.30
CA GLY C 128 6.49 -2.53 4.86
C GLY C 128 5.65 -1.38 4.33
N THR C 129 4.66 -0.92 5.09
CA THR C 129 3.79 0.17 4.64
C THR C 129 4.19 1.52 5.22
N ALA C 130 5.32 1.61 5.93
CA ALA C 130 5.80 2.90 6.39
C ALA C 130 6.15 3.78 5.19
N GLU C 131 5.98 5.09 5.35
CA GLU C 131 6.18 6.03 4.27
C GLU C 131 6.99 7.22 4.76
N ILE C 132 7.91 7.68 3.91
CA ILE C 132 8.75 8.85 4.20
C ILE C 132 8.71 9.76 2.98
N HIS C 133 8.22 10.98 3.18
CA HIS C 133 8.10 11.94 2.10
C HIS C 133 8.28 13.34 2.64
N ALA C 134 8.64 14.25 1.75
CA ALA C 134 8.89 15.64 2.12
C ALA C 134 7.73 16.52 1.69
N ASN C 135 7.74 17.75 2.19
CA ASN C 135 6.68 18.70 1.86
C ASN C 135 6.99 19.41 0.55
N HIS C 136 5.93 19.78 -0.16
CA HIS C 136 6.07 20.79 -1.21
C HIS C 136 6.35 22.15 -0.58
N GLN C 137 6.76 23.10 -1.42
CA GLN C 137 6.87 24.47 -0.95
C GLN C 137 5.51 24.97 -0.49
N LEU C 138 5.49 25.67 0.64
CA LEU C 138 4.24 26.03 1.29
C LEU C 138 3.96 27.53 1.31
N ASN C 139 4.92 28.36 0.89
CA ASN C 139 4.75 29.81 0.97
C ASN C 139 4.94 30.48 -0.39
N MET C 140 4.69 29.75 -1.46
CA MET C 140 4.61 30.35 -2.78
C MET C 140 3.15 30.50 -3.19
N THR C 141 2.92 31.18 -4.33
CA THR C 141 1.56 31.32 -4.82
C THR C 141 0.98 29.96 -5.21
N PHE C 142 1.82 29.02 -5.61
CA PHE C 142 1.40 27.68 -5.97
C PHE C 142 2.00 26.66 -5.02
N VAL C 143 1.30 25.55 -4.87
CA VAL C 143 1.79 24.41 -4.08
C VAL C 143 2.18 23.23 -4.96
N SER C 144 1.83 23.25 -6.24
CA SER C 144 2.17 22.16 -7.14
C SER C 144 3.68 22.05 -7.32
N ASP C 145 4.14 20.82 -7.52
CA ASP C 145 5.50 20.57 -7.97
C ASP C 145 5.60 20.37 -9.48
N ASP C 146 4.66 19.65 -10.08
CA ASP C 146 4.76 19.31 -11.49
C ASP C 146 4.50 20.49 -12.41
N ILE C 147 4.11 21.65 -11.87
CA ILE C 147 4.08 22.88 -12.67
C ILE C 147 5.48 23.18 -13.20
N GLN C 148 6.52 22.74 -12.50
CA GLN C 148 7.89 22.97 -12.95
C GLN C 148 8.20 22.28 -14.27
N ASN C 149 7.43 21.24 -14.63
CA ASN C 149 7.60 20.63 -15.95
C ASN C 149 7.32 21.62 -17.07
N PHE C 150 6.61 22.71 -16.79
CA PHE C 150 6.38 23.77 -17.77
C PHE C 150 7.40 24.89 -17.69
N PHE C 151 8.30 24.87 -16.70
CA PHE C 151 9.30 25.92 -16.55
C PHE C 151 10.43 25.71 -17.55
N ASN C 152 10.81 26.77 -18.27
CA ASN C 152 11.99 26.69 -19.11
C ASN C 152 13.23 26.80 -18.22
N GLU C 153 14.41 26.90 -18.83
CA GLU C 153 15.64 26.87 -18.06
C GLU C 153 15.74 28.05 -17.09
N GLU C 154 15.39 29.25 -17.56
CA GLU C 154 15.48 30.43 -16.69
C GLU C 154 14.51 30.34 -15.54
N SER C 155 13.23 30.04 -15.82
CA SER C 155 12.23 29.98 -14.77
C SER C 155 12.55 28.88 -13.76
N MET C 156 13.02 27.73 -14.23
CA MET C 156 13.38 26.65 -13.32
C MET C 156 14.52 27.07 -12.40
N ALA C 157 15.53 27.76 -12.95
CA ALA C 157 16.65 28.19 -12.12
C ALA C 157 16.21 29.15 -11.03
N VAL C 158 15.25 30.04 -11.35
CA VAL C 158 14.69 30.91 -10.33
C VAL C 158 13.94 30.09 -9.29
N PHE C 159 13.13 29.14 -9.74
CA PHE C 159 12.38 28.28 -8.83
C PHE C 159 13.32 27.48 -7.93
N GLN C 160 14.36 26.87 -8.51
CA GLN C 160 15.27 26.05 -7.73
C GLN C 160 16.03 26.87 -6.70
N GLU C 161 16.42 28.09 -7.07
CA GLU C 161 17.18 28.93 -6.14
C GLU C 161 16.35 29.30 -4.92
N LYS C 162 15.08 29.68 -5.13
CA LYS C 162 14.25 30.06 -3.99
C LYS C 162 13.83 28.86 -3.16
N LEU C 163 13.73 27.67 -3.79
CA LEU C 163 13.52 26.46 -3.02
C LEU C 163 14.68 26.20 -2.05
N ARG C 164 15.90 26.44 -2.53
CA ARG C 164 17.08 26.22 -1.69
C ARG C 164 17.16 27.20 -0.53
N LYS C 165 16.48 28.34 -0.62
CA LYS C 165 16.50 29.34 0.44
C LYS C 165 15.31 29.22 1.41
N ASP C 166 14.41 28.27 1.15
CA ASP C 166 13.25 28.08 2.02
C ASP C 166 13.67 27.43 3.33
N PRO C 167 13.49 28.10 4.48
CA PRO C 167 13.87 27.48 5.76
C PRO C 167 13.00 26.30 6.17
N LYS C 168 11.87 26.06 5.50
CA LYS C 168 11.03 24.91 5.80
C LYS C 168 11.47 23.65 5.06
N HIS C 169 12.54 23.74 4.26
CA HIS C 169 13.15 22.61 3.56
C HIS C 169 12.17 21.84 2.70
N PRO C 170 11.52 22.49 1.73
CA PRO C 170 10.65 21.73 0.82
C PRO C 170 11.48 20.77 -0.02
N TYR C 171 10.91 19.60 -0.27
CA TYR C 171 11.60 18.51 -0.96
C TYR C 171 12.93 18.15 -0.28
N ALA C 172 13.03 18.45 1.03
CA ALA C 172 14.22 18.19 1.83
C ALA C 172 15.45 18.92 1.30
N TYR C 173 15.25 20.14 0.81
CA TYR C 173 16.37 20.98 0.40
C TYR C 173 17.04 21.60 1.63
N SER C 174 18.33 21.93 1.48
CA SER C 174 19.10 22.69 2.47
C SER C 174 19.03 22.08 3.87
N LYS C 175 18.89 20.76 3.95
CA LYS C 175 18.90 20.05 5.22
C LYS C 175 19.64 18.75 5.05
N GLU C 176 20.11 18.21 6.18
CA GLU C 176 20.77 16.92 6.15
C GLU C 176 19.73 15.82 5.93
N PRO C 177 20.04 14.82 5.10
CA PRO C 177 19.17 13.64 5.02
C PRO C 177 19.07 13.00 6.39
N MET C 178 17.93 12.37 6.65
CA MET C 178 17.65 11.89 8.00
C MET C 178 18.40 10.59 8.28
N THR C 179 18.88 10.47 9.51
CA THR C 179 19.51 9.24 10.00
C THR C 179 18.46 8.46 10.80
N ILE C 180 18.34 7.17 10.50
CA ILE C 180 17.49 6.27 11.26
C ILE C 180 18.41 5.36 12.06
N GLY C 181 18.24 5.38 13.38
CA GLY C 181 19.18 4.72 14.26
C GLY C 181 19.01 3.21 14.28
N SER C 182 19.67 2.61 15.28
CA SER C 182 19.68 1.17 15.49
C SER C 182 18.67 0.78 16.57
N ASP C 183 18.24 -0.49 16.51
CA ASP C 183 17.21 -1.01 17.41
C ASP C 183 15.95 -0.15 17.37
N VAL C 184 15.60 0.29 16.16
CA VAL C 184 14.43 1.14 15.93
C VAL C 184 13.28 0.27 15.46
N TYR C 185 12.06 0.61 15.87
CA TYR C 185 10.86 -0.04 15.39
C TYR C 185 9.90 1.01 14.85
N ILE C 186 9.39 0.78 13.64
CA ILE C 186 8.45 1.69 12.99
C ILE C 186 7.24 0.88 12.57
N GLY C 187 6.06 1.28 13.07
CA GLY C 187 4.86 0.49 12.88
C GLY C 187 4.24 0.64 11.50
N ALA C 188 3.24 -0.20 11.25
CA ALA C 188 2.56 -0.21 9.96
C ALA C 188 1.90 1.14 9.71
N HIS C 189 2.00 1.61 8.47
CA HIS C 189 1.31 2.80 8.01
C HIS C 189 1.82 4.08 8.66
N ALA C 190 3.00 4.05 9.27
CA ALA C 190 3.57 5.26 9.84
C ALA C 190 4.07 6.19 8.73
N PHE C 191 4.24 7.47 9.09
CA PHE C 191 4.70 8.48 8.15
C PHE C 191 5.74 9.36 8.82
N ILE C 192 6.83 9.64 8.12
CA ILE C 192 7.88 10.53 8.59
C ILE C 192 8.08 11.62 7.56
N ASN C 193 8.07 12.88 8.01
CA ASN C 193 8.19 14.02 7.12
C ASN C 193 9.67 14.35 6.91
N ALA C 194 10.15 14.11 5.68
CA ALA C 194 11.55 14.34 5.36
C ALA C 194 11.92 15.82 5.28
N SER C 195 10.94 16.72 5.32
CA SER C 195 11.26 18.15 5.33
C SER C 195 11.69 18.62 6.71
N THR C 196 11.13 18.04 7.77
CA THR C 196 11.32 18.53 9.12
C THR C 196 11.94 17.50 10.06
N VAL C 197 12.31 16.32 9.58
CA VAL C 197 12.91 15.28 10.40
C VAL C 197 14.31 15.00 9.89
N THR C 198 15.29 15.05 10.80
CA THR C 198 16.65 14.69 10.48
C THR C 198 17.18 13.50 11.29
N SER C 199 16.42 13.00 12.27
CA SER C 199 16.94 11.96 13.13
C SER C 199 15.80 11.16 13.76
N ILE C 200 15.86 9.85 13.58
CA ILE C 200 15.10 8.90 14.39
C ILE C 200 16.13 8.22 15.28
N GLY C 201 16.16 8.59 16.56
CA GLY C 201 17.24 8.16 17.43
C GLY C 201 17.23 6.67 17.67
N ASP C 202 18.39 6.17 18.10
CA ASP C 202 18.53 4.75 18.45
C ASP C 202 17.45 4.33 19.44
N GLY C 203 16.89 3.14 19.23
CA GLY C 203 15.91 2.59 20.14
C GLY C 203 14.52 3.16 20.03
N ALA C 204 14.29 4.15 19.17
CA ALA C 204 12.97 4.77 19.07
C ALA C 204 11.94 3.79 18.53
N ILE C 205 10.71 3.95 19.00
CA ILE C 205 9.56 3.17 18.53
C ILE C 205 8.55 4.16 17.97
N ILE C 206 8.19 3.99 16.71
CA ILE C 206 7.16 4.79 16.05
C ILE C 206 5.91 3.94 15.92
N GLY C 207 4.82 4.37 16.56
CA GLY C 207 3.63 3.57 16.58
C GLY C 207 2.95 3.47 15.23
N SER C 208 2.09 2.46 15.11
CA SER C 208 1.32 2.28 13.87
C SER C 208 0.48 3.51 13.59
N GLY C 209 0.54 3.98 12.34
CA GLY C 209 -0.24 5.13 11.91
C GLY C 209 0.25 6.48 12.38
N ALA C 210 1.35 6.53 13.15
CA ALA C 210 1.86 7.80 13.62
C ALA C 210 2.37 8.64 12.46
N VAL C 211 2.14 9.95 12.54
CA VAL C 211 2.63 10.91 11.55
C VAL C 211 3.71 11.72 12.25
N VAL C 212 4.96 11.37 11.99
CA VAL C 212 6.10 11.97 12.67
C VAL C 212 6.53 13.22 11.94
N LEU C 213 6.46 14.37 12.61
CA LEU C 213 6.83 15.64 12.02
C LEU C 213 8.06 16.28 12.65
N GLU C 214 8.57 15.72 13.75
CA GLU C 214 9.77 16.22 14.41
C GLU C 214 10.69 15.06 14.74
N ASN C 215 11.95 15.39 15.02
CA ASN C 215 12.92 14.37 15.41
C ASN C 215 12.42 13.58 16.60
N VAL C 216 12.70 12.29 16.60
CA VAL C 216 12.29 11.39 17.67
C VAL C 216 13.52 11.12 18.54
N PRO C 217 13.51 11.51 19.81
CA PRO C 217 14.67 11.27 20.68
C PRO C 217 14.95 9.79 20.83
N PRO C 218 16.18 9.42 21.15
CA PRO C 218 16.51 7.99 21.31
C PRO C 218 15.64 7.33 22.37
N PHE C 219 15.13 6.15 22.03
CA PHE C 219 14.34 5.29 22.91
C PHE C 219 13.00 5.92 23.31
N ALA C 220 12.57 6.98 22.65
CA ALA C 220 11.23 7.50 22.85
C ALA C 220 10.22 6.70 22.04
N VAL C 221 9.02 6.58 22.59
CA VAL C 221 7.90 5.91 21.92
C VAL C 221 6.90 6.99 21.52
N VAL C 222 6.70 7.15 20.22
CA VAL C 222 5.83 8.20 19.68
C VAL C 222 4.64 7.55 19.00
N VAL C 223 3.45 8.12 19.22
CA VAL C 223 2.21 7.66 18.59
C VAL C 223 1.35 8.88 18.28
N GLY C 224 0.37 8.67 17.41
CA GLY C 224 -0.66 9.66 17.17
C GLY C 224 -0.44 10.46 15.90
N VAL C 225 -1.47 11.24 15.56
CA VAL C 225 -1.45 12.13 14.41
C VAL C 225 -1.77 13.54 14.88
N PRO C 226 -0.78 14.43 15.04
CA PRO C 226 0.64 14.17 14.79
C PRO C 226 1.28 13.36 15.92
N ALA C 227 2.48 12.83 15.67
CA ALA C 227 3.11 11.97 16.66
C ALA C 227 3.61 12.78 17.85
N ARG C 228 3.30 12.31 19.05
CA ARG C 228 3.83 12.88 20.28
C ARG C 228 4.43 11.77 21.11
N ILE C 229 5.31 12.14 22.03
CA ILE C 229 5.97 11.17 22.89
C ILE C 229 4.97 10.64 23.92
N LYS C 230 4.77 9.33 23.93
CA LYS C 230 3.90 8.69 24.90
C LYS C 230 4.68 8.28 26.16
N ARG C 231 5.89 7.75 25.97
CA ARG C 231 6.74 7.30 27.07
C ARG C 231 8.12 7.04 26.49
N TYR C 232 9.07 6.79 27.38
CA TYR C 232 10.39 6.32 26.99
C TYR C 232 10.53 4.85 27.36
N ARG C 233 11.33 4.13 26.57
CA ARG C 233 11.50 2.70 26.83
C ARG C 233 12.23 2.45 28.14
N PHE C 234 13.11 3.36 28.55
CA PHE C 234 13.91 3.19 29.74
C PHE C 234 14.10 4.54 30.41
N SER C 235 14.65 4.50 31.62
CA SER C 235 15.04 5.73 32.29
C SER C 235 16.14 6.44 31.51
N LYS C 236 16.32 7.72 31.80
CA LYS C 236 17.37 8.48 31.11
C LYS C 236 18.75 7.97 31.47
N GLU C 237 18.93 7.46 32.69
CA GLU C 237 20.22 6.88 33.07
C GLU C 237 20.50 5.60 32.30
N MET C 238 19.50 4.77 32.10
CA MET C 238 19.67 3.57 31.29
C MET C 238 19.84 3.93 29.81
N ILE C 239 19.14 4.96 29.35
CA ILE C 239 19.29 5.40 27.97
C ILE C 239 20.73 5.87 27.72
N GLU C 240 21.25 6.68 28.65
CA GLU C 240 22.63 7.15 28.51
C GLU C 240 23.61 5.99 28.55
N THR C 241 23.32 4.95 29.34
CA THR C 241 24.16 3.77 29.35
C THR C 241 24.10 3.05 28.00
N LEU C 242 22.90 2.95 27.42
CA LEU C 242 22.77 2.27 26.13
C LEU C 242 23.55 3.01 25.04
N LEU C 243 23.48 4.34 25.03
CA LEU C 243 24.20 5.11 24.02
C LEU C 243 25.71 5.03 24.19
N ARG C 244 26.20 4.67 25.39
CA ARG C 244 27.62 4.48 25.58
C ARG C 244 28.07 3.08 25.17
N VAL C 245 27.31 2.06 25.58
CA VAL C 245 27.71 0.68 25.32
C VAL C 245 27.55 0.33 23.84
N LYS C 246 26.47 0.79 23.20
CA LYS C 246 26.20 0.52 21.79
C LYS C 246 26.28 -0.98 21.48
N TRP C 247 25.36 -1.73 22.07
CA TRP C 247 25.36 -3.18 21.84
C TRP C 247 25.15 -3.51 20.36
N TRP C 248 24.52 -2.62 19.60
CA TRP C 248 24.30 -2.86 18.18
C TRP C 248 25.59 -2.88 17.38
N ASP C 249 26.72 -2.50 17.99
CA ASP C 249 28.03 -2.61 17.35
C ASP C 249 28.81 -3.82 17.83
N TRP C 250 28.19 -4.70 18.62
CA TRP C 250 28.89 -5.85 19.18
C TRP C 250 29.16 -6.89 18.11
N SER C 251 30.17 -7.73 18.37
CA SER C 251 30.40 -8.91 17.56
C SER C 251 29.26 -9.90 17.76
N ILE C 252 29.11 -10.79 16.78
CA ILE C 252 28.14 -11.88 16.91
C ILE C 252 28.47 -12.74 18.12
N GLU C 253 29.77 -12.95 18.37
CA GLU C 253 30.19 -13.70 19.55
C GLU C 253 29.84 -12.96 20.83
N GLU C 254 30.07 -11.64 20.85
CA GLU C 254 29.72 -10.85 22.02
C GLU C 254 28.22 -10.82 22.27
N ILE C 255 27.42 -10.83 21.20
CA ILE C 255 25.97 -10.83 21.36
C ILE C 255 25.52 -12.11 22.06
N ASN C 256 26.06 -13.26 21.66
CA ASN C 256 25.73 -14.50 22.33
C ASN C 256 26.33 -14.57 23.73
N GLU C 257 27.54 -14.02 23.90
CA GLU C 257 28.18 -14.04 25.21
C GLU C 257 27.39 -13.22 26.22
N ASN C 258 26.80 -12.11 25.78
CA ASN C 258 26.06 -11.22 26.66
C ASN C 258 24.56 -11.22 26.35
N VAL C 259 24.03 -12.36 25.91
CA VAL C 259 22.61 -12.43 25.58
C VAL C 259 21.74 -12.19 26.80
N ASP C 260 22.24 -12.54 27.98
CA ASP C 260 21.47 -12.34 29.21
C ASP C 260 21.25 -10.85 29.48
N ALA C 261 22.26 -10.03 29.19
CA ALA C 261 22.08 -8.59 29.34
C ALA C 261 21.18 -8.00 28.26
N LEU C 262 21.19 -8.58 27.06
CA LEU C 262 20.27 -8.13 26.02
C LEU C 262 18.84 -8.53 26.35
N ILE C 263 18.66 -9.70 26.93
CA ILE C 263 17.31 -10.17 27.23
C ILE C 263 16.77 -9.51 28.49
N SER C 264 17.63 -9.22 29.47
CA SER C 264 17.21 -8.61 30.72
C SER C 264 17.74 -7.18 30.82
N PRO C 265 16.89 -6.15 30.64
CA PRO C 265 17.37 -4.78 30.89
C PRO C 265 17.87 -4.59 32.30
N GLU C 266 17.33 -5.35 33.26
CA GLU C 266 17.80 -5.26 34.64
CA GLU C 266 17.80 -5.26 34.64
C GLU C 266 19.28 -5.63 34.73
N LEU C 267 19.65 -6.77 34.15
CA LEU C 267 21.06 -7.17 34.17
C LEU C 267 21.91 -6.23 33.35
N PHE C 268 21.37 -5.68 32.25
CA PHE C 268 22.14 -4.75 31.43
C PHE C 268 22.56 -3.53 32.25
N MET C 269 21.63 -2.95 33.01
CA MET C 269 21.96 -1.79 33.83
C MET C 269 22.91 -2.16 34.95
N LYS C 270 22.81 -3.38 35.47
CA LYS C 270 23.80 -3.90 36.41
C LYS C 270 25.21 -3.78 35.85
N LYS C 271 25.46 -4.46 34.73
CA LYS C 271 26.83 -4.65 34.25
C LYS C 271 27.43 -3.34 33.74
N TYR C 272 26.63 -2.51 33.07
CA TYR C 272 27.15 -1.41 32.28
C TYR C 272 26.84 -0.03 32.85
N GLY C 273 25.87 0.09 33.75
CA GLY C 273 25.50 1.40 34.26
C GLY C 273 26.67 2.11 34.92
N SER C 274 27.37 1.42 35.80
CA SER C 274 28.57 1.96 36.46
C SER C 274 29.67 0.92 36.36
N LEU C 275 30.54 1.09 35.36
CA LEU C 275 31.75 0.28 35.18
C LEU C 275 31.43 -1.15 34.78
S SO4 D . -21.31 -16.26 15.80
O1 SO4 D . -20.36 -16.63 14.74
O2 SO4 D . -21.55 -17.41 16.66
O3 SO4 D . -20.73 -15.18 16.60
O4 SO4 D . -22.56 -15.82 15.21
#